data_7ZJQ
#
_entry.id   7ZJQ
#
_cell.length_a   65.470
_cell.length_b   121.660
_cell.length_c   154.330
_cell.angle_alpha   90.000
_cell.angle_beta   90.000
_cell.angle_gamma   90.000
#
_symmetry.space_group_name_H-M   'P 21 21 21'
#
loop_
_entity.id
_entity.type
_entity.pdbx_description
1 polymer 'Transcriptional enhancer factor TEF-5'
2 polymer 'Transcriptional enhancer factor TEF-5'
3 non-polymer '1-cyclopentylpyrazolo[3,4-b]pyridine-5-carboxylic acid'
4 water water
#
loop_
_entity_poly.entity_id
_entity_poly.type
_entity_poly.pdbx_seq_one_letter_code
_entity_poly.pdbx_strand_id
1 'polypeptide(L)'
;QDRTIASSRLRLLEYSAFMEVQRDPDTYSKHLFVHIGQTNPAFSDPPLEAVDVRQIYDKFPEKKGGLKELYEKGPPNAFF
LVKFWADLNSTIQEGPGAFYGVSSQYSSADSMTISVSTKV(CSX)SFGKQVVEKVETEYARLENGRFVYRIHRSPMCEYM
INFIHKLKHLPEKYMMNSVLENFTILQVVTSRDSQETLLVIAFVFEVSTSEHGAQHHVYKLVKD
;
A
2 'polypeptide(L)'
;QDRTIASSRLRLLEYSAFMEVQRDPDTYSKHLFVHIGQTNPAFSDPPLEAVDVRQIYDKFPEKKGGLKELYEKGPPNAFF
LVKFWADLNSTIQEGPGAFYGVSSQYSSADSMTISVSTKVCSFGKQVVEKVETEYARLENGRFVYRIHRSPMCEYMINFI
HKLKHLPEKYMMNSVLENFTILQVVTSRDSQETLLVIAFVFEVSTSEHGAQHHVYKLVKD
;
B,C,D
#
loop_
_chem_comp.id
_chem_comp.type
_chem_comp.name
_chem_comp.formula
JIK non-polymer '1-cyclopentylpyrazolo[3,4-b]pyridine-5-carboxylic acid' 'C12 H13 N3 O2'
#
# COMPACT_ATOMS: atom_id res chain seq x y z
N THR A 4 13.10 7.43 -16.76
CA THR A 4 12.88 7.73 -15.34
C THR A 4 12.52 9.19 -15.12
N ILE A 5 11.35 9.43 -14.52
CA ILE A 5 10.88 10.77 -14.22
C ILE A 5 11.36 11.14 -12.86
N ALA A 6 12.43 11.92 -12.77
CA ALA A 6 12.98 12.32 -11.48
C ALA A 6 13.64 13.68 -11.54
N SER A 7 13.34 14.51 -10.58
CA SER A 7 13.97 15.81 -10.42
C SER A 7 15.15 15.63 -9.40
N SER A 8 15.79 16.71 -8.95
CA SER A 8 16.83 16.58 -7.94
C SER A 8 16.23 16.28 -6.54
N ARG A 9 14.92 16.55 -6.34
CA ARG A 9 14.29 16.35 -5.05
C ARG A 9 13.22 15.27 -5.00
N LEU A 10 12.73 14.80 -6.16
CA LEU A 10 11.66 13.80 -6.13
C LEU A 10 11.59 12.93 -7.38
N ARG A 11 11.30 11.65 -7.17
CA ARG A 11 11.21 10.68 -8.25
C ARG A 11 9.80 10.07 -8.35
N LEU A 12 9.27 9.94 -9.56
CA LEU A 12 8.01 9.26 -9.80
C LEU A 12 8.38 7.79 -9.94
N LEU A 13 7.92 6.93 -9.03
CA LEU A 13 8.20 5.49 -9.07
C LEU A 13 7.17 4.77 -9.90
N GLU A 14 5.87 5.15 -9.78
CA GLU A 14 4.81 4.43 -10.46
C GLU A 14 3.59 5.36 -10.68
N TYR A 15 2.83 5.10 -11.74
CA TYR A 15 1.63 5.83 -12.01
C TYR A 15 0.71 4.97 -12.85
N SER A 16 -0.55 4.80 -12.44
CA SER A 16 -1.48 4.03 -13.24
C SER A 16 -2.92 4.48 -13.08
N ALA A 17 -3.64 4.60 -14.21
CA ALA A 17 -5.05 4.93 -14.24
C ALA A 17 -5.70 3.62 -14.68
N PHE A 18 -6.70 3.17 -13.92
CA PHE A 18 -7.31 1.87 -14.16
C PHE A 18 -8.79 1.76 -13.77
N MET A 19 -9.41 0.64 -14.13
CA MET A 19 -10.75 0.30 -13.72
C MET A 19 -10.74 -1.15 -13.25
N GLU A 20 -11.43 -1.40 -12.14
CA GLU A 20 -11.47 -2.71 -11.53
C GLU A 20 -12.90 -3.17 -11.36
N VAL A 21 -13.25 -4.31 -11.93
CA VAL A 21 -14.58 -4.87 -11.79
C VAL A 21 -14.55 -6.13 -10.88
N GLN A 22 -15.57 -6.30 -10.03
CA GLN A 22 -15.64 -7.48 -9.17
C GLN A 22 -16.57 -8.50 -9.83
N ARG A 23 -16.01 -9.57 -10.43
CA ARG A 23 -16.81 -10.61 -11.10
C ARG A 23 -17.70 -11.37 -10.10
N ASP A 24 -17.12 -11.77 -8.95
CA ASP A 24 -17.77 -12.42 -7.81
C ASP A 24 -17.05 -12.00 -6.49
N PRO A 25 -17.53 -12.36 -5.27
CA PRO A 25 -16.85 -11.88 -4.05
C PRO A 25 -15.34 -12.15 -3.97
N ASP A 26 -14.83 -13.14 -4.70
CA ASP A 26 -13.41 -13.48 -4.67
C ASP A 26 -12.68 -13.27 -5.98
N THR A 27 -13.30 -12.64 -6.97
CA THR A 27 -12.65 -12.45 -8.26
C THR A 27 -12.72 -11.01 -8.72
N TYR A 28 -11.56 -10.46 -9.07
CA TYR A 28 -11.47 -9.07 -9.52
C TYR A 28 -10.69 -9.03 -10.80
N SER A 29 -11.11 -8.16 -11.69
CA SER A 29 -10.44 -7.92 -12.95
C SER A 29 -10.00 -6.46 -12.95
N LYS A 30 -8.82 -6.18 -13.46
CA LYS A 30 -8.28 -4.83 -13.50
C LYS A 30 -7.76 -4.51 -14.88
N HIS A 31 -8.27 -3.43 -15.47
CA HIS A 31 -7.82 -2.97 -16.77
C HIS A 31 -7.03 -1.67 -16.60
N LEU A 32 -5.77 -1.63 -17.03
CA LEU A 32 -4.94 -0.42 -16.97
C LEU A 32 -5.14 0.40 -18.25
N PHE A 33 -5.55 1.68 -18.11
CA PHE A 33 -5.69 2.57 -19.25
C PHE A 33 -4.32 3.07 -19.66
N VAL A 34 -3.51 3.49 -18.68
CA VAL A 34 -2.16 3.95 -18.85
C VAL A 34 -1.36 3.47 -17.63
N HIS A 35 -0.05 3.29 -17.82
N HIS A 35 -0.04 3.29 -17.80
CA HIS A 35 0.83 2.83 -16.73
CA HIS A 35 0.82 2.81 -16.70
C HIS A 35 2.29 3.24 -16.93
C HIS A 35 2.29 3.16 -16.91
N ILE A 36 2.98 3.51 -15.83
CA ILE A 36 4.40 3.87 -15.78
C ILE A 36 4.91 3.06 -14.57
N GLY A 37 5.90 2.20 -14.76
CA GLY A 37 6.39 1.34 -13.67
C GLY A 37 7.83 1.54 -13.25
N GLN A 38 8.37 0.59 -12.43
CA GLN A 38 9.74 0.56 -11.89
C GLN A 38 10.04 1.65 -10.86
N ASP A 45 19.12 4.33 -15.19
CA ASP A 45 18.28 5.34 -15.82
C ASP A 45 18.79 5.66 -17.23
N PRO A 46 17.92 5.60 -18.24
CA PRO A 46 18.35 5.95 -19.60
C PRO A 46 18.22 7.46 -19.88
N PRO A 47 19.04 8.01 -20.80
CA PRO A 47 18.91 9.44 -21.11
C PRO A 47 17.59 9.76 -21.81
N LEU A 48 17.01 10.93 -21.51
CA LEU A 48 15.72 11.31 -22.06
C LEU A 48 15.86 12.26 -23.21
N GLU A 49 15.03 12.13 -24.24
CA GLU A 49 14.97 13.10 -25.34
C GLU A 49 14.32 14.39 -24.82
N ALA A 50 14.76 15.53 -25.33
CA ALA A 50 14.26 16.82 -24.90
C ALA A 50 13.21 17.36 -25.83
N VAL A 51 12.21 18.04 -25.26
CA VAL A 51 11.14 18.71 -25.97
C VAL A 51 11.10 20.13 -25.45
N ASP A 52 11.16 21.12 -26.34
CA ASP A 52 11.13 22.53 -25.92
C ASP A 52 9.73 22.81 -25.38
N VAL A 53 9.66 23.37 -24.16
CA VAL A 53 8.42 23.64 -23.47
C VAL A 53 7.50 24.60 -24.24
N ARG A 54 8.09 25.50 -25.06
CA ARG A 54 7.31 26.43 -25.87
C ARG A 54 6.48 25.72 -26.96
N GLN A 55 6.88 24.49 -27.35
CA GLN A 55 6.13 23.69 -28.32
C GLN A 55 4.82 23.12 -27.73
N ILE A 56 4.66 23.11 -26.39
CA ILE A 56 3.45 22.54 -25.77
C ILE A 56 2.62 23.58 -24.98
N TYR A 57 3.07 24.84 -24.92
CA TYR A 57 2.33 25.93 -24.26
C TYR A 57 0.92 26.06 -24.86
N ASP A 58 0.79 25.80 -26.16
CA ASP A 58 -0.46 25.86 -26.90
C ASP A 58 -1.41 24.76 -26.41
N LYS A 59 -0.87 23.57 -26.10
CA LYS A 59 -1.60 22.42 -25.57
C LYS A 59 -2.04 22.59 -24.10
N PHE A 60 -1.40 23.51 -23.35
CA PHE A 60 -1.73 23.81 -21.96
C PHE A 60 -1.93 25.33 -21.84
N PRO A 61 -2.97 25.88 -22.47
CA PRO A 61 -3.14 27.35 -22.48
C PRO A 61 -3.71 27.97 -21.21
N GLU A 62 -3.94 27.17 -20.16
CA GLU A 62 -4.49 27.62 -18.88
C GLU A 62 -3.53 28.57 -18.11
N LYS A 63 -3.94 29.84 -17.95
CA LYS A 63 -3.20 30.95 -17.31
C LYS A 63 -2.67 30.68 -15.84
N LYS A 64 -3.48 30.94 -14.78
CA LYS A 64 -3.03 30.73 -13.39
C LYS A 64 -2.81 29.26 -13.11
N GLY A 65 -1.68 28.95 -12.46
CA GLY A 65 -1.30 27.55 -12.19
C GLY A 65 -0.96 26.77 -13.45
N GLY A 66 -0.75 27.53 -14.54
CA GLY A 66 -0.41 27.06 -15.86
C GLY A 66 1.05 26.71 -15.98
N LEU A 67 1.38 26.19 -17.12
CA LEU A 67 2.69 25.66 -17.43
C LEU A 67 3.77 26.70 -17.61
N LYS A 68 3.48 27.78 -18.37
CA LYS A 68 4.47 28.83 -18.64
C LYS A 68 4.91 29.48 -17.35
N GLU A 69 3.96 29.83 -16.49
CA GLU A 69 4.23 30.49 -15.21
C GLU A 69 5.02 29.57 -14.27
N LEU A 70 4.65 28.29 -14.23
CA LEU A 70 5.32 27.32 -13.38
C LEU A 70 6.75 27.09 -13.82
N TYR A 71 6.98 27.02 -15.15
CA TYR A 71 8.31 26.81 -15.72
C TYR A 71 9.23 28.00 -15.41
N GLU A 72 8.70 29.22 -15.51
CA GLU A 72 9.47 30.44 -15.20
C GLU A 72 9.87 30.45 -13.73
N LYS A 73 8.98 30.01 -12.84
CA LYS A 73 9.27 29.92 -11.41
C LYS A 73 10.42 28.93 -11.17
N GLY A 74 10.37 27.79 -11.87
CA GLY A 74 11.42 26.78 -11.81
C GLY A 74 11.32 25.85 -10.62
N PRO A 75 12.31 24.94 -10.42
CA PRO A 75 13.51 24.70 -11.23
C PRO A 75 13.21 23.96 -12.53
N PRO A 76 13.95 24.27 -13.61
CA PRO A 76 13.69 23.58 -14.89
C PRO A 76 13.83 22.07 -14.86
N ASN A 77 14.62 21.52 -13.90
CA ASN A 77 14.85 20.08 -13.75
C ASN A 77 13.63 19.27 -13.27
N ALA A 78 12.56 19.96 -12.84
CA ALA A 78 11.37 19.29 -12.37
C ALA A 78 10.36 19.04 -13.49
N PHE A 79 10.56 19.59 -14.69
CA PHE A 79 9.55 19.52 -15.75
C PHE A 79 9.74 18.42 -16.76
N PHE A 80 8.72 17.57 -16.84
CA PHE A 80 8.67 16.41 -17.71
C PHE A 80 7.37 16.37 -18.52
N LEU A 81 7.41 15.69 -19.67
CA LEU A 81 6.26 15.50 -20.51
C LEU A 81 6.10 14.02 -20.77
N VAL A 82 4.92 13.50 -20.54
CA VAL A 82 4.60 12.12 -20.79
C VAL A 82 3.53 12.08 -21.85
N LYS A 83 3.81 11.36 -22.94
CA LYS A 83 2.85 11.18 -23.99
C LYS A 83 2.28 9.77 -23.79
N PHE A 84 0.96 9.64 -23.62
CA PHE A 84 0.35 8.34 -23.42
C PHE A 84 -0.42 7.87 -24.63
N TRP A 85 -0.47 6.56 -24.81
CA TRP A 85 -1.28 5.89 -25.81
C TRP A 85 -2.15 5.00 -24.96
N ALA A 86 -3.31 5.53 -24.54
CA ALA A 86 -4.24 4.88 -23.65
C ALA A 86 -4.91 3.64 -24.23
N ASP A 87 -4.96 2.58 -23.44
CA ASP A 87 -5.64 1.35 -23.82
C ASP A 87 -7.11 1.50 -23.44
N LEU A 88 -7.95 1.78 -24.43
CA LEU A 88 -9.38 1.92 -24.22
C LEU A 88 -10.18 0.70 -24.70
N ASN A 89 -9.52 -0.46 -24.83
CA ASN A 89 -10.20 -1.68 -25.26
C ASN A 89 -10.95 -2.25 -24.08
N SER A 90 -12.21 -2.63 -24.30
CA SER A 90 -13.02 -3.21 -23.24
C SER A 90 -12.64 -4.68 -23.07
N THR A 91 -11.52 -4.92 -22.39
CA THR A 91 -11.00 -6.26 -22.14
C THR A 91 -11.75 -6.94 -21.00
N ILE A 92 -12.12 -6.18 -19.95
CA ILE A 92 -12.88 -6.74 -18.82
C ILE A 92 -14.37 -6.35 -18.91
N GLN A 93 -15.28 -7.26 -18.56
CA GLN A 93 -16.71 -6.99 -18.64
C GLN A 93 -17.17 -6.07 -17.51
N GLU A 94 -17.40 -4.78 -17.82
CA GLU A 94 -17.81 -3.79 -16.82
C GLU A 94 -19.24 -3.97 -16.33
N GLY A 95 -19.38 -4.09 -15.01
CA GLY A 95 -20.66 -4.27 -14.34
C GLY A 95 -21.05 -3.08 -13.47
N PRO A 96 -21.99 -3.27 -12.53
CA PRO A 96 -22.47 -2.14 -11.72
C PRO A 96 -21.45 -1.41 -10.81
N GLY A 97 -20.70 -2.10 -9.95
CA GLY A 97 -19.80 -1.44 -9.01
C GLY A 97 -18.36 -1.38 -9.46
N ALA A 98 -18.13 -0.98 -10.71
CA ALA A 98 -16.80 -0.91 -11.29
C ALA A 98 -16.07 0.28 -10.69
N PHE A 99 -14.88 0.05 -10.12
CA PHE A 99 -14.09 1.12 -9.52
C PHE A 99 -13.11 1.72 -10.54
N TYR A 100 -13.11 3.04 -10.72
CA TYR A 100 -12.16 3.71 -11.60
C TYR A 100 -11.23 4.45 -10.68
N GLY A 101 -9.93 4.18 -10.78
CA GLY A 101 -8.96 4.81 -9.88
C GLY A 101 -7.60 5.13 -10.45
N VAL A 102 -6.81 5.86 -9.66
CA VAL A 102 -5.48 6.27 -10.03
C VAL A 102 -4.55 5.96 -8.85
N SER A 103 -3.44 5.28 -9.12
CA SER A 103 -2.46 4.95 -8.08
C SER A 103 -1.12 5.50 -8.51
N SER A 104 -0.37 6.05 -7.56
CA SER A 104 0.94 6.60 -7.85
C SER A 104 1.87 6.54 -6.64
N GLN A 105 3.18 6.47 -6.91
CA GLN A 105 4.20 6.39 -5.89
C GLN A 105 5.35 7.30 -6.22
N TYR A 106 5.94 7.87 -5.20
CA TYR A 106 7.05 8.77 -5.34
C TYR A 106 8.10 8.42 -4.30
N SER A 107 9.35 8.87 -4.53
CA SER A 107 10.38 8.72 -3.54
C SER A 107 11.33 9.92 -3.53
N SER A 108 12.01 10.10 -2.42
CA SER A 108 12.98 11.16 -2.26
C SER A 108 14.05 10.75 -1.24
N ALA A 109 15.23 11.37 -1.34
CA ALA A 109 16.30 11.10 -0.40
C ALA A 109 16.05 11.82 0.93
N ASP A 110 15.27 12.91 0.93
CA ASP A 110 14.92 13.69 2.10
C ASP A 110 13.45 13.50 2.50
N SER A 111 13.20 13.57 3.80
CA SER A 111 11.86 13.46 4.38
C SER A 111 11.13 14.79 4.19
N MET A 112 9.98 14.77 3.50
CA MET A 112 9.18 15.98 3.26
C MET A 112 7.69 15.66 3.30
N THR A 113 6.84 16.69 3.45
CA THR A 113 5.42 16.52 3.29
C THR A 113 5.14 17.12 1.93
N ILE A 114 4.57 16.33 1.01
CA ILE A 114 4.30 16.81 -0.35
C ILE A 114 2.82 17.10 -0.59
N SER A 115 2.55 17.94 -1.60
CA SER A 115 1.19 18.29 -2.00
C SER A 115 1.09 17.99 -3.50
N VAL A 116 0.30 17.02 -3.88
CA VAL A 116 0.10 16.64 -5.26
C VAL A 116 -1.19 17.27 -5.82
N SER A 117 -1.04 18.19 -6.76
CA SER A 117 -2.18 18.82 -7.42
C SER A 117 -2.28 18.20 -8.84
N THR A 118 -3.46 17.71 -9.22
CA THR A 118 -3.71 17.08 -10.52
C THR A 118 -4.78 17.91 -11.18
N LYS A 119 -4.41 18.62 -12.24
CA LYS A 119 -5.36 19.44 -12.96
C LYS A 119 -5.76 18.71 -14.23
N VAL A 120 -7.05 18.42 -14.37
CA VAL A 120 -7.56 17.76 -15.56
C VAL A 120 -8.11 18.87 -16.44
N CSX A 121 -7.63 18.97 -17.70
CA CSX A 121 -8.09 20.02 -18.62
CB CSX A 121 -7.06 21.03 -19.03
SG CSX A 121 -6.15 21.75 -17.60
C CSX A 121 -8.76 19.44 -19.84
O CSX A 121 -8.35 18.41 -20.33
OD CSX A 121 -4.78 20.86 -17.72
N SER A 122 -9.82 20.11 -20.31
CA SER A 122 -10.57 19.65 -21.47
C SER A 122 -10.91 20.92 -22.25
N PHE A 123 -10.44 21.00 -23.53
CA PHE A 123 -10.65 22.16 -24.40
C PHE A 123 -10.01 23.42 -23.85
N GLY A 124 -8.83 23.28 -23.27
CA GLY A 124 -8.11 24.41 -22.70
C GLY A 124 -8.69 24.99 -21.41
N LYS A 125 -9.64 24.26 -20.79
CA LYS A 125 -10.28 24.71 -19.55
C LYS A 125 -10.07 23.69 -18.43
N GLN A 126 -9.60 24.13 -17.24
CA GLN A 126 -9.46 23.23 -16.08
C GLN A 126 -10.86 22.75 -15.66
N VAL A 127 -11.10 21.45 -15.68
CA VAL A 127 -12.41 20.90 -15.37
C VAL A 127 -12.46 20.30 -13.97
N VAL A 128 -11.39 19.63 -13.57
CA VAL A 128 -11.26 19.05 -12.25
C VAL A 128 -9.88 19.40 -11.71
N GLU A 129 -9.79 19.62 -10.41
CA GLU A 129 -8.53 19.72 -9.72
C GLU A 129 -8.61 18.91 -8.42
N LYS A 130 -7.65 18.01 -8.21
CA LYS A 130 -7.53 17.15 -7.05
C LYS A 130 -6.27 17.61 -6.31
N VAL A 131 -6.34 17.82 -5.00
CA VAL A 131 -5.20 18.21 -4.18
C VAL A 131 -5.08 17.18 -3.08
N GLU A 132 -3.94 16.50 -3.01
CA GLU A 132 -3.72 15.47 -2.00
CA GLU A 132 -3.72 15.47 -1.99
C GLU A 132 -2.39 15.69 -1.30
N THR A 133 -2.42 15.79 0.03
CA THR A 133 -1.21 15.94 0.83
C THR A 133 -0.66 14.53 1.19
N GLU A 134 0.65 14.29 1.03
CA GLU A 134 1.22 12.97 1.37
C GLU A 134 2.41 13.09 2.31
N TYR A 135 2.44 12.22 3.30
CA TYR A 135 3.51 12.20 4.29
C TYR A 135 4.56 11.15 3.97
N ALA A 136 5.83 11.47 4.26
CA ALA A 136 6.98 10.62 4.00
C ALA A 136 6.98 9.36 4.86
N ARG A 137 7.34 8.25 4.25
CA ARG A 137 7.46 7.00 4.96
C ARG A 137 8.88 6.43 4.67
N LEU A 138 9.72 6.32 5.72
CA LEU A 138 11.06 5.76 5.54
C LEU A 138 10.96 4.28 5.12
N GLU A 139 11.58 3.92 4.02
CA GLU A 139 11.50 2.60 3.46
C GLU A 139 12.74 2.30 2.60
N ASN A 140 13.60 1.38 3.10
CA ASN A 140 14.85 0.98 2.45
C ASN A 140 15.78 2.18 2.20
N GLY A 141 16.01 2.96 3.26
CA GLY A 141 16.87 4.14 3.22
C GLY A 141 16.37 5.35 2.44
N ARG A 142 15.23 5.21 1.76
CA ARG A 142 14.61 6.29 0.98
C ARG A 142 13.22 6.66 1.61
N PHE A 143 12.64 7.83 1.24
CA PHE A 143 11.33 8.24 1.74
C PHE A 143 10.32 8.04 0.63
N VAL A 144 9.28 7.25 0.87
CA VAL A 144 8.28 6.97 -0.16
C VAL A 144 6.94 7.67 0.13
N TYR A 145 6.18 7.96 -0.94
CA TYR A 145 4.89 8.65 -0.91
C TYR A 145 3.94 7.88 -1.75
N ARG A 146 2.81 7.42 -1.18
CA ARG A 146 1.85 6.63 -1.96
C ARG A 146 0.48 7.25 -2.00
N ILE A 147 -0.13 7.23 -3.18
CA ILE A 147 -1.51 7.65 -3.40
C ILE A 147 -2.09 6.37 -3.95
N HIS A 148 -2.82 5.63 -3.13
CA HIS A 148 -3.34 4.34 -3.53
C HIS A 148 -4.81 4.42 -3.82
N ARG A 149 -5.24 3.88 -4.99
CA ARG A 149 -6.64 3.81 -5.40
C ARG A 149 -7.42 5.10 -5.19
N SER A 150 -6.87 6.24 -5.64
CA SER A 150 -7.54 7.53 -5.55
C SER A 150 -8.69 7.46 -6.56
N PRO A 151 -9.96 7.56 -6.09
CA PRO A 151 -11.08 7.41 -7.02
C PRO A 151 -11.09 8.48 -8.10
N MET A 152 -11.44 8.10 -9.34
CA MET A 152 -11.62 9.09 -10.39
C MET A 152 -12.97 9.76 -10.13
N CYS A 153 -13.08 11.05 -10.43
CA CYS A 153 -14.35 11.74 -10.27
C CYS A 153 -15.32 11.31 -11.40
N GLU A 154 -16.63 11.55 -11.21
CA GLU A 154 -17.63 11.17 -12.22
C GLU A 154 -17.38 11.80 -13.59
N TYR A 155 -16.73 12.98 -13.63
CA TYR A 155 -16.41 13.65 -14.89
C TYR A 155 -15.50 12.74 -15.74
N MET A 156 -14.48 12.16 -15.10
CA MET A 156 -13.52 11.32 -15.78
C MET A 156 -14.08 9.97 -16.19
N ILE A 157 -14.96 9.34 -15.37
CA ILE A 157 -15.59 8.07 -15.71
C ILE A 157 -16.52 8.28 -16.92
N ASN A 158 -17.28 9.39 -16.91
CA ASN A 158 -18.19 9.70 -18.01
C ASN A 158 -17.43 10.03 -19.30
N PHE A 159 -16.27 10.73 -19.19
CA PHE A 159 -15.40 11.04 -20.33
C PHE A 159 -14.87 9.76 -20.98
N ILE A 160 -14.48 8.75 -20.18
CA ILE A 160 -14.01 7.48 -20.71
C ILE A 160 -15.14 6.70 -21.41
N HIS A 161 -16.38 6.75 -20.88
CA HIS A 161 -17.52 6.08 -21.53
C HIS A 161 -17.79 6.73 -22.88
N LYS A 162 -17.86 8.08 -22.89
CA LYS A 162 -18.09 8.85 -24.09
C LYS A 162 -17.02 8.57 -25.15
N LEU A 163 -15.78 8.35 -24.71
CA LEU A 163 -14.65 8.02 -25.58
C LEU A 163 -14.79 6.61 -26.17
N LYS A 164 -15.13 5.62 -25.33
CA LYS A 164 -15.30 4.22 -25.74
C LYS A 164 -16.50 4.06 -26.69
N HIS A 165 -17.56 4.90 -26.54
CA HIS A 165 -18.73 4.83 -27.39
C HIS A 165 -18.59 5.54 -28.74
N LEU A 166 -17.37 5.97 -29.11
CA LEU A 166 -17.12 6.60 -30.40
C LEU A 166 -16.85 5.50 -31.42
N PRO A 167 -17.51 5.56 -32.59
CA PRO A 167 -17.35 4.49 -33.59
C PRO A 167 -15.98 4.34 -34.24
N GLU A 168 -15.10 5.35 -34.14
CA GLU A 168 -13.78 5.27 -34.77
C GLU A 168 -12.66 5.69 -33.83
N LYS A 169 -11.48 5.06 -33.93
CA LYS A 169 -10.35 5.44 -33.08
C LYS A 169 -9.79 6.82 -33.47
N TYR A 170 -10.01 7.29 -34.71
CA TYR A 170 -9.56 8.62 -35.12
C TYR A 170 -10.41 9.72 -34.47
N MET A 171 -11.68 9.43 -34.13
CA MET A 171 -12.61 10.33 -33.46
C MET A 171 -12.19 10.52 -32.00
N MET A 172 -11.74 9.43 -31.36
CA MET A 172 -11.24 9.45 -29.99
C MET A 172 -9.94 10.24 -29.91
N ASN A 173 -9.10 10.18 -30.96
CA ASN A 173 -7.86 10.94 -31.01
C ASN A 173 -8.11 12.45 -31.13
N SER A 174 -9.17 12.83 -31.86
CA SER A 174 -9.55 14.24 -32.01
C SER A 174 -10.05 14.80 -30.66
N VAL A 175 -10.68 13.97 -29.83
CA VAL A 175 -11.12 14.38 -28.50
C VAL A 175 -9.91 14.45 -27.59
N LEU A 176 -9.08 13.39 -27.57
CA LEU A 176 -7.89 13.31 -26.73
C LEU A 176 -6.82 14.37 -27.05
N GLU A 177 -6.91 14.99 -28.24
CA GLU A 177 -6.09 16.09 -28.71
C GLU A 177 -6.26 17.32 -27.81
N ASN A 178 -7.48 17.49 -27.26
CA ASN A 178 -7.91 18.59 -26.39
C ASN A 178 -7.94 18.24 -24.89
N PHE A 179 -7.55 17.02 -24.54
CA PHE A 179 -7.53 16.55 -23.17
C PHE A 179 -6.11 16.48 -22.65
N THR A 180 -5.83 17.19 -21.57
CA THR A 180 -4.51 17.14 -20.95
C THR A 180 -4.64 17.00 -19.42
N ILE A 181 -3.57 16.56 -18.77
CA ILE A 181 -3.50 16.48 -17.31
C ILE A 181 -2.19 17.13 -16.90
N LEU A 182 -2.22 18.02 -15.91
CA LEU A 182 -1.00 18.68 -15.44
C LEU A 182 -0.83 18.33 -13.96
N GLN A 183 0.20 17.56 -13.64
CA GLN A 183 0.44 17.18 -12.26
C GLN A 183 1.58 18.00 -11.66
N VAL A 184 1.31 18.72 -10.57
CA VAL A 184 2.28 19.59 -9.89
C VAL A 184 2.48 19.16 -8.46
N VAL A 185 3.67 18.67 -8.14
CA VAL A 185 4.00 18.25 -6.79
C VAL A 185 4.86 19.32 -6.16
N THR A 186 4.46 19.80 -5.00
CA THR A 186 5.19 20.83 -4.27
C THR A 186 5.48 20.38 -2.85
N SER A 187 6.43 21.03 -2.17
CA SER A 187 6.70 20.78 -0.76
C SER A 187 5.56 21.54 -0.02
N ARG A 188 4.79 20.89 0.86
CA ARG A 188 3.62 21.51 1.50
C ARG A 188 3.90 22.85 2.22
N ASP A 189 4.99 22.90 2.99
CA ASP A 189 5.28 24.11 3.75
C ASP A 189 5.97 25.20 2.93
N SER A 190 7.05 24.87 2.20
CA SER A 190 7.76 25.89 1.42
C SER A 190 7.08 26.29 0.11
N GLN A 191 6.20 25.43 -0.41
CA GLN A 191 5.52 25.61 -1.69
C GLN A 191 6.49 25.58 -2.89
N GLU A 192 7.61 24.88 -2.73
CA GLU A 192 8.60 24.75 -3.80
C GLU A 192 8.22 23.64 -4.74
N THR A 193 8.35 23.88 -6.04
CA THR A 193 8.06 22.88 -7.05
C THR A 193 9.08 21.74 -7.02
N LEU A 194 8.60 20.52 -6.78
CA LEU A 194 9.41 19.33 -6.70
C LEU A 194 9.39 18.56 -8.03
N LEU A 195 8.21 18.45 -8.66
CA LEU A 195 8.05 17.67 -9.88
C LEU A 195 6.82 18.14 -10.63
N VAL A 196 6.92 18.34 -11.93
CA VAL A 196 5.80 18.75 -12.79
C VAL A 196 5.78 17.81 -14.00
N ILE A 197 4.64 17.19 -14.23
CA ILE A 197 4.46 16.27 -15.33
C ILE A 197 3.27 16.68 -16.16
N ALA A 198 3.53 16.99 -17.42
CA ALA A 198 2.47 17.36 -18.36
C ALA A 198 2.10 16.07 -19.09
N PHE A 199 0.81 15.74 -19.15
CA PHE A 199 0.38 14.53 -19.81
C PHE A 199 -0.44 14.85 -21.04
N VAL A 200 -0.05 14.28 -22.18
CA VAL A 200 -0.79 14.42 -23.43
C VAL A 200 -1.23 13.01 -23.87
N PHE A 201 -2.32 12.91 -24.66
CA PHE A 201 -2.94 11.60 -24.91
C PHE A 201 -3.32 11.31 -26.35
N GLU A 202 -3.31 10.01 -26.64
CA GLU A 202 -3.72 9.38 -27.89
C GLU A 202 -4.28 8.01 -27.53
N VAL A 203 -5.03 7.39 -28.45
CA VAL A 203 -5.55 6.05 -28.22
C VAL A 203 -4.56 5.03 -28.78
N SER A 204 -4.31 3.95 -28.05
CA SER A 204 -3.37 2.92 -28.46
C SER A 204 -3.96 2.06 -29.57
N THR A 205 -3.25 1.94 -30.67
CA THR A 205 -3.65 1.07 -31.78
C THR A 205 -2.92 -0.30 -31.73
N SER A 206 -1.82 -0.38 -30.93
CA SER A 206 -0.96 -1.53 -30.72
C SER A 206 -1.65 -2.68 -30.00
N GLU A 207 -1.24 -3.91 -30.34
CA GLU A 207 -1.71 -5.15 -29.69
C GLU A 207 -0.99 -5.39 -28.34
N HIS A 208 0.18 -4.73 -28.12
CA HIS A 208 0.94 -4.78 -26.87
C HIS A 208 0.35 -3.86 -25.76
N GLY A 209 -0.88 -3.39 -25.95
CA GLY A 209 -1.60 -2.53 -25.02
C GLY A 209 -1.16 -1.09 -25.01
N ALA A 210 -1.30 -0.45 -23.84
CA ALA A 210 -0.95 0.94 -23.58
C ALA A 210 0.54 1.15 -23.66
N GLN A 211 0.95 2.31 -24.16
CA GLN A 211 2.34 2.69 -24.29
C GLN A 211 2.55 4.14 -23.87
N HIS A 212 3.80 4.50 -23.58
CA HIS A 212 4.11 5.87 -23.21
C HIS A 212 5.54 6.27 -23.60
N HIS A 213 5.76 7.58 -23.74
CA HIS A 213 7.08 8.10 -24.00
C HIS A 213 7.31 9.28 -23.07
N VAL A 214 8.47 9.29 -22.39
CA VAL A 214 8.85 10.34 -21.48
C VAL A 214 9.86 11.29 -22.15
N TYR A 215 9.69 12.59 -21.92
CA TYR A 215 10.54 13.66 -22.43
C TYR A 215 10.89 14.63 -21.33
N LYS A 216 12.08 15.23 -21.42
CA LYS A 216 12.51 16.26 -20.49
C LYS A 216 12.12 17.58 -21.14
N LEU A 217 11.45 18.46 -20.38
CA LEU A 217 11.03 19.75 -20.93
C LEU A 217 12.16 20.77 -20.77
N VAL A 218 12.63 21.34 -21.89
CA VAL A 218 13.75 22.30 -21.89
C VAL A 218 13.33 23.69 -22.43
N LYS A 219 14.17 24.72 -22.29
CA LYS A 219 13.85 26.06 -22.81
C LYS A 219 15.03 26.61 -23.60
N THR B 4 -14.41 -9.17 14.86
CA THR B 4 -13.22 -8.36 15.12
C THR B 4 -12.16 -9.10 15.94
N ILE B 5 -11.00 -9.30 15.31
CA ILE B 5 -9.85 -9.94 15.94
C ILE B 5 -9.00 -8.84 16.50
N ALA B 6 -9.09 -8.64 17.81
CA ALA B 6 -8.32 -7.58 18.47
C ALA B 6 -8.02 -7.91 19.91
N SER B 7 -6.77 -7.75 20.28
CA SER B 7 -6.34 -7.92 21.66
C SER B 7 -6.40 -6.52 22.34
N SER B 8 -5.81 -6.36 23.55
CA SER B 8 -5.77 -5.04 24.18
C SER B 8 -4.72 -4.13 23.51
N ARG B 9 -3.70 -4.71 22.83
CA ARG B 9 -2.64 -3.91 22.23
C ARG B 9 -2.58 -3.89 20.70
N LEU B 10 -3.24 -4.84 20.01
CA LEU B 10 -3.19 -4.87 18.55
C LEU B 10 -4.45 -5.45 17.90
N ARG B 11 -4.89 -4.84 16.80
CA ARG B 11 -6.08 -5.27 16.04
C ARG B 11 -5.71 -5.75 14.62
N LEU B 12 -6.30 -6.85 14.16
CA LEU B 12 -6.13 -7.30 12.80
C LEU B 12 -7.20 -6.54 11.99
N LEU B 13 -6.79 -5.69 11.05
CA LEU B 13 -7.72 -4.92 10.24
C LEU B 13 -8.10 -5.68 8.98
N GLU B 14 -7.13 -6.40 8.37
CA GLU B 14 -7.39 -7.08 7.10
C GLU B 14 -6.41 -8.24 6.89
N TYR B 15 -6.85 -9.28 6.17
CA TYR B 15 -6.00 -10.42 5.87
C TYR B 15 -6.53 -11.09 4.62
N SER B 16 -5.67 -11.34 3.62
CA SER B 16 -6.10 -12.06 2.43
C SER B 16 -4.98 -12.86 1.77
N ALA B 17 -5.28 -14.08 1.36
CA ALA B 17 -4.36 -14.95 0.65
C ALA B 17 -4.95 -15.02 -0.77
N PHE B 18 -4.14 -14.77 -1.79
CA PHE B 18 -4.65 -14.66 -3.15
C PHE B 18 -3.70 -15.13 -4.23
N MET B 19 -4.20 -15.16 -5.46
CA MET B 19 -3.47 -15.49 -6.66
C MET B 19 -3.75 -14.40 -7.68
N GLU B 20 -2.72 -13.91 -8.37
CA GLU B 20 -2.88 -12.89 -9.38
C GLU B 20 -2.22 -13.26 -10.70
N VAL B 21 -2.91 -13.03 -11.82
CA VAL B 21 -2.37 -13.37 -13.14
C VAL B 21 -2.44 -12.19 -14.09
N GLN B 22 -1.42 -12.06 -14.91
CA GLN B 22 -1.37 -11.06 -15.96
C GLN B 22 -1.89 -11.71 -17.25
N ARG B 23 -3.13 -11.42 -17.67
CA ARG B 23 -3.67 -11.96 -18.92
C ARG B 23 -2.92 -11.33 -20.13
N ASP B 24 -2.72 -10.01 -20.08
CA ASP B 24 -1.96 -9.19 -21.04
C ASP B 24 -1.30 -7.99 -20.30
N PRO B 25 -0.42 -7.17 -20.93
CA PRO B 25 0.22 -6.07 -20.19
C PRO B 25 -0.72 -5.12 -19.41
N ASP B 26 -2.01 -5.04 -19.82
CA ASP B 26 -2.96 -4.16 -19.15
C ASP B 26 -4.12 -4.88 -18.48
N THR B 27 -4.07 -6.20 -18.35
CA THR B 27 -5.16 -6.95 -17.73
C THR B 27 -4.66 -7.88 -16.66
N TYR B 28 -5.24 -7.77 -15.46
CA TYR B 28 -4.87 -8.60 -14.33
C TYR B 28 -6.10 -9.18 -13.70
N SER B 29 -5.99 -10.44 -13.29
CA SER B 29 -7.07 -11.15 -12.64
C SER B 29 -6.59 -11.56 -11.25
N LYS B 30 -7.46 -11.43 -10.25
CA LYS B 30 -7.09 -11.76 -8.88
C LYS B 30 -8.14 -12.64 -8.26
N HIS B 31 -7.70 -13.79 -7.74
CA HIS B 31 -8.59 -14.73 -7.08
C HIS B 31 -8.23 -14.78 -5.60
N LEU B 32 -9.21 -14.51 -4.72
CA LEU B 32 -8.98 -14.58 -3.28
C LEU B 32 -9.28 -15.99 -2.78
N PHE B 33 -8.32 -16.62 -2.09
CA PHE B 33 -8.55 -17.94 -1.51
C PHE B 33 -9.32 -17.77 -0.21
N VAL B 34 -8.85 -16.85 0.66
CA VAL B 34 -9.45 -16.51 1.95
C VAL B 34 -9.38 -14.98 2.14
N HIS B 35 -10.28 -14.42 2.96
N HIS B 35 -10.28 -14.40 2.96
CA HIS B 35 -10.29 -12.98 3.22
CA HIS B 35 -10.27 -12.95 3.20
C HIS B 35 -10.97 -12.59 4.53
C HIS B 35 -10.99 -12.54 4.48
N ILE B 36 -10.45 -11.55 5.18
CA ILE B 36 -10.99 -10.98 6.42
C ILE B 36 -10.89 -9.47 6.18
N GLY B 37 -12.00 -8.73 6.25
CA GLY B 37 -11.98 -7.30 5.91
C GLY B 37 -12.32 -6.32 7.02
N ASP B 45 -18.88 -4.35 15.78
CA ASP B 45 -18.26 -5.14 16.84
C ASP B 45 -19.20 -6.21 17.43
N PRO B 46 -19.14 -7.46 16.92
CA PRO B 46 -20.02 -8.51 17.45
C PRO B 46 -19.33 -9.38 18.51
N PRO B 47 -20.11 -9.94 19.46
CA PRO B 47 -19.50 -10.81 20.48
C PRO B 47 -19.03 -12.13 19.89
N LEU B 48 -18.01 -12.74 20.49
CA LEU B 48 -17.46 -13.98 19.94
C LEU B 48 -17.78 -15.23 20.70
N GLU B 49 -18.06 -16.31 19.99
CA GLU B 49 -18.21 -17.62 20.60
C GLU B 49 -16.82 -18.12 21.02
N ALA B 50 -16.77 -18.85 22.14
CA ALA B 50 -15.52 -19.34 22.67
C ALA B 50 -15.25 -20.78 22.30
N VAL B 51 -13.97 -21.09 22.06
CA VAL B 51 -13.50 -22.43 21.76
C VAL B 51 -12.35 -22.68 22.73
N ASP B 52 -12.40 -23.80 23.46
CA ASP B 52 -11.35 -24.16 24.42
C ASP B 52 -10.05 -24.42 23.66
N VAL B 53 -8.96 -23.80 24.11
CA VAL B 53 -7.63 -23.89 23.48
C VAL B 53 -7.04 -25.33 23.53
N ARG B 54 -7.35 -26.13 24.58
CA ARG B 54 -6.83 -27.50 24.68
C ARG B 54 -7.28 -28.41 23.52
N GLN B 55 -8.44 -28.10 22.95
CA GLN B 55 -9.04 -28.81 21.82
C GLN B 55 -8.24 -28.67 20.53
N ILE B 56 -7.46 -27.58 20.40
CA ILE B 56 -6.65 -27.38 19.21
C ILE B 56 -5.15 -27.61 19.44
N TYR B 57 -4.71 -28.00 20.65
CA TYR B 57 -3.29 -28.24 20.95
C TYR B 57 -2.58 -29.24 20.01
N ASP B 58 -3.27 -30.30 19.60
CA ASP B 58 -2.68 -31.32 18.71
C ASP B 58 -2.43 -30.83 17.27
N LYS B 59 -3.12 -29.76 16.85
CA LYS B 59 -2.98 -29.24 15.50
C LYS B 59 -1.81 -28.25 15.31
N PHE B 60 -1.20 -27.81 16.40
CA PHE B 60 -0.13 -26.83 16.37
C PHE B 60 1.16 -27.34 17.09
N PRO B 61 2.37 -26.81 16.83
CA PRO B 61 3.58 -27.32 17.53
C PRO B 61 3.50 -27.05 19.04
N GLU B 62 4.02 -27.95 19.89
CA GLU B 62 3.81 -27.76 21.33
C GLU B 62 4.99 -27.69 22.27
N LYS B 63 6.18 -28.16 21.87
CA LYS B 63 7.31 -28.13 22.80
C LYS B 63 7.71 -26.65 23.17
N LYS B 64 8.98 -26.24 23.01
CA LYS B 64 9.39 -24.87 23.31
C LYS B 64 8.77 -23.91 22.27
N GLY B 65 8.18 -22.82 22.75
CA GLY B 65 7.52 -21.85 21.88
C GLY B 65 6.23 -22.35 21.26
N GLY B 66 5.59 -23.35 21.87
CA GLY B 66 4.35 -23.94 21.36
C GLY B 66 3.10 -23.16 21.73
N LEU B 67 1.93 -23.54 21.14
CA LEU B 67 0.65 -22.86 21.44
C LEU B 67 0.32 -22.91 22.94
N LYS B 68 0.54 -24.07 23.59
CA LYS B 68 0.27 -24.23 25.02
C LYS B 68 1.16 -23.30 25.84
N GLU B 69 2.46 -23.25 25.51
CA GLU B 69 3.42 -22.40 26.19
C GLU B 69 3.11 -20.91 25.99
N LEU B 70 2.73 -20.52 24.77
CA LEU B 70 2.37 -19.15 24.43
C LEU B 70 1.13 -18.71 25.21
N TYR B 71 0.11 -19.59 25.29
CA TYR B 71 -1.13 -19.30 26.00
C TYR B 71 -0.89 -19.11 27.51
N GLU B 72 -0.03 -19.95 28.10
CA GLU B 72 0.32 -19.85 29.52
C GLU B 72 1.02 -18.53 29.81
N LYS B 73 1.91 -18.09 28.89
CA LYS B 73 2.62 -16.82 29.02
C LYS B 73 1.61 -15.66 28.99
N GLY B 74 0.62 -15.75 28.10
CA GLY B 74 -0.43 -14.76 28.00
C GLY B 74 -0.08 -13.52 27.20
N PRO B 75 -0.98 -12.50 27.14
CA PRO B 75 -2.31 -12.43 27.77
C PRO B 75 -3.36 -13.29 27.06
N PRO B 76 -4.30 -13.90 27.81
CA PRO B 76 -5.32 -14.76 27.17
C PRO B 76 -6.20 -14.04 26.15
N ASN B 77 -6.37 -12.71 26.29
CA ASN B 77 -7.16 -11.88 25.38
C ASN B 77 -6.59 -11.75 23.97
N ALA B 78 -5.32 -12.15 23.76
CA ALA B 78 -4.65 -12.06 22.45
C ALA B 78 -4.87 -13.29 21.57
N PHE B 79 -5.50 -14.38 22.09
CA PHE B 79 -5.65 -15.64 21.37
C PHE B 79 -7.00 -15.84 20.68
N PHE B 80 -6.95 -15.99 19.37
CA PHE B 80 -8.09 -16.18 18.50
C PHE B 80 -7.93 -17.38 17.57
N LEU B 81 -9.06 -17.93 17.11
CA LEU B 81 -9.08 -19.02 16.17
C LEU B 81 -9.96 -18.63 14.99
N VAL B 82 -9.42 -18.74 13.79
CA VAL B 82 -10.15 -18.44 12.58
C VAL B 82 -10.29 -19.73 11.80
N LYS B 83 -11.54 -20.07 11.47
CA LYS B 83 -11.83 -21.24 10.67
C LYS B 83 -12.12 -20.71 9.28
N PHE B 84 -11.37 -21.17 8.27
CA PHE B 84 -11.57 -20.71 6.91
C PHE B 84 -12.21 -21.77 6.04
N TRP B 85 -13.00 -21.34 5.07
CA TRP B 85 -13.56 -22.17 4.02
C TRP B 85 -12.97 -21.55 2.75
N ALA B 86 -11.80 -22.04 2.35
CA ALA B 86 -11.04 -21.53 1.23
C ALA B 86 -11.69 -21.76 -0.12
N ASP B 87 -11.70 -20.73 -0.94
CA ASP B 87 -12.22 -20.79 -2.29
C ASP B 87 -11.10 -21.30 -3.20
N LEU B 88 -11.16 -22.59 -3.56
CA LEU B 88 -10.17 -23.21 -4.43
C LEU B 88 -10.71 -23.43 -5.84
N ASN B 89 -11.76 -22.69 -6.25
CA ASN B 89 -12.30 -22.79 -7.59
C ASN B 89 -11.40 -22.05 -8.55
N SER B 90 -11.08 -22.69 -9.67
CA SER B 90 -10.24 -22.07 -10.67
C SER B 90 -11.09 -21.11 -11.50
N THR B 91 -11.35 -19.92 -10.93
CA THR B 91 -12.14 -18.87 -11.57
C THR B 91 -11.29 -18.12 -12.60
N ILE B 92 -10.00 -17.89 -12.30
CA ILE B 92 -9.10 -17.21 -13.24
C ILE B 92 -8.16 -18.23 -13.92
N GLN B 93 -7.90 -18.08 -15.22
CA GLN B 93 -7.04 -19.03 -15.93
C GLN B 93 -5.57 -18.88 -15.58
N GLU B 94 -5.04 -19.78 -14.74
CA GLU B 94 -3.65 -19.72 -14.28
C GLU B 94 -2.64 -20.06 -15.35
N GLY B 95 -1.70 -19.16 -15.59
CA GLY B 95 -0.63 -19.39 -16.55
C GLY B 95 0.74 -19.23 -15.90
N PRO B 96 1.79 -19.06 -16.71
CA PRO B 96 3.12 -18.82 -16.13
C PRO B 96 3.18 -17.40 -15.55
N GLY B 97 3.94 -17.22 -14.49
CA GLY B 97 4.07 -15.91 -13.87
C GLY B 97 2.93 -15.46 -12.98
N ALA B 98 2.07 -16.38 -12.54
CA ALA B 98 0.97 -16.16 -11.60
C ALA B 98 1.60 -15.85 -10.24
N PHE B 99 1.23 -14.72 -9.62
CA PHE B 99 1.75 -14.36 -8.31
C PHE B 99 0.86 -14.91 -7.18
N TYR B 100 1.44 -15.59 -6.19
CA TYR B 100 0.71 -16.09 -5.03
C TYR B 100 1.21 -15.26 -3.87
N GLY B 101 0.29 -14.61 -3.15
CA GLY B 101 0.67 -13.74 -2.05
C GLY B 101 -0.33 -13.56 -0.93
N VAL B 102 0.11 -12.84 0.10
CA VAL B 102 -0.63 -12.60 1.31
C VAL B 102 -0.54 -11.13 1.69
N SER B 103 -1.68 -10.48 1.90
CA SER B 103 -1.70 -9.07 2.33
C SER B 103 -2.41 -8.98 3.68
N SER B 104 -1.90 -8.15 4.58
CA SER B 104 -2.50 -7.99 5.90
C SER B 104 -2.22 -6.62 6.50
N GLN B 105 -3.13 -6.15 7.37
CA GLN B 105 -3.02 -4.86 8.04
C GLN B 105 -3.36 -4.99 9.51
N TYR B 106 -2.66 -4.22 10.32
CA TYR B 106 -2.89 -4.21 11.75
C TYR B 106 -2.92 -2.79 12.22
N SER B 107 -3.53 -2.56 13.40
CA SER B 107 -3.51 -1.23 13.97
C SER B 107 -3.36 -1.30 15.48
N SER B 108 -2.83 -0.24 16.06
CA SER B 108 -2.69 -0.13 17.51
C SER B 108 -2.77 1.33 17.92
N ALA B 109 -3.14 1.59 19.18
CA ALA B 109 -3.19 2.96 19.68
C ALA B 109 -1.77 3.47 20.02
N ASP B 110 -0.83 2.56 20.30
CA ASP B 110 0.55 2.89 20.61
C ASP B 110 1.50 2.55 19.45
N SER B 111 2.56 3.36 19.31
CA SER B 111 3.56 3.18 18.27
C SER B 111 4.51 2.08 18.69
N MET B 112 4.62 1.02 17.89
CA MET B 112 5.51 -0.11 18.21
C MET B 112 6.16 -0.66 16.94
N THR B 113 7.26 -1.43 17.10
CA THR B 113 7.80 -2.18 15.98
C THR B 113 7.31 -3.59 16.24
N ILE B 114 6.62 -4.20 15.28
CA ILE B 114 6.08 -5.54 15.49
C ILE B 114 6.83 -6.60 14.69
N SER B 115 6.72 -7.84 15.13
CA SER B 115 7.34 -8.96 14.45
C SER B 115 6.25 -9.99 14.23
N VAL B 116 5.90 -10.24 12.97
CA VAL B 116 4.87 -11.19 12.59
C VAL B 116 5.50 -12.51 12.16
N SER B 117 5.24 -13.53 12.95
CA SER B 117 5.71 -14.88 12.65
C SER B 117 4.51 -15.69 12.18
N THR B 118 4.59 -16.30 11.02
CA THR B 118 3.54 -17.13 10.44
C THR B 118 4.15 -18.53 10.34
N LYS B 119 3.69 -19.49 11.16
CA LYS B 119 4.19 -20.86 11.11
C LYS B 119 3.21 -21.71 10.33
N VAL B 120 3.67 -22.32 9.27
CA VAL B 120 2.85 -23.20 8.46
C VAL B 120 3.11 -24.60 9.03
N CYS B 121 2.06 -25.32 9.41
CA CYS B 121 2.19 -26.62 10.03
C CYS B 121 1.47 -27.73 9.27
N SER B 122 2.10 -28.91 9.26
CA SER B 122 1.53 -30.09 8.63
C SER B 122 1.60 -31.19 9.69
N PHE B 123 0.45 -31.76 10.11
CA PHE B 123 0.36 -32.79 11.17
C PHE B 123 0.88 -32.25 12.53
N GLY B 124 0.64 -30.96 12.77
CA GLY B 124 1.09 -30.28 13.98
C GLY B 124 2.57 -29.97 14.05
N LYS B 125 3.33 -30.27 12.99
CA LYS B 125 4.77 -30.03 12.93
C LYS B 125 5.04 -28.82 12.05
N GLN B 126 5.80 -27.85 12.56
CA GLN B 126 6.14 -26.65 11.79
C GLN B 126 6.98 -27.02 10.57
N VAL B 127 6.53 -26.67 9.36
CA VAL B 127 7.25 -26.99 8.12
C VAL B 127 8.00 -25.73 7.61
N VAL B 128 7.31 -24.59 7.62
CA VAL B 128 7.85 -23.31 7.20
C VAL B 128 7.52 -22.27 8.25
N GLU B 129 8.41 -21.33 8.44
CA GLU B 129 8.18 -20.18 9.28
C GLU B 129 8.65 -18.92 8.55
N LYS B 130 7.79 -17.91 8.50
CA LYS B 130 8.03 -16.60 7.89
C LYS B 130 8.07 -15.59 9.02
N VAL B 131 9.09 -14.75 9.07
CA VAL B 131 9.21 -13.71 10.10
C VAL B 131 9.34 -12.40 9.38
N GLU B 132 8.44 -11.47 9.64
CA GLU B 132 8.43 -10.16 9.00
C GLU B 132 8.31 -9.07 10.05
N THR B 133 9.24 -8.15 10.06
CA THR B 133 9.22 -7.03 10.99
C THR B 133 8.46 -5.84 10.35
N GLU B 134 7.55 -5.19 11.09
CA GLU B 134 6.82 -4.04 10.56
C GLU B 134 6.91 -2.81 11.45
N TYR B 135 7.11 -1.67 10.82
CA TYR B 135 7.21 -0.40 11.53
C TYR B 135 5.89 0.35 11.49
N ALA B 136 5.59 1.05 12.60
CA ALA B 136 4.36 1.81 12.78
C ALA B 136 4.29 3.01 11.88
N ARG B 137 3.12 3.23 11.33
CA ARG B 137 2.83 4.35 10.47
C ARG B 137 1.65 5.10 11.09
N LEU B 138 1.86 6.35 11.55
CA LEU B 138 0.78 7.14 12.11
C LEU B 138 -0.21 7.48 11.01
N GLU B 139 -1.47 7.13 11.21
CA GLU B 139 -2.50 7.29 10.21
C GLU B 139 -3.88 7.36 10.88
N ASN B 140 -4.54 8.55 10.84
CA ASN B 140 -5.84 8.81 11.46
C ASN B 140 -5.78 8.60 12.98
N GLY B 141 -4.74 9.13 13.63
CA GLY B 141 -4.59 9.01 15.08
C GLY B 141 -4.25 7.62 15.61
N ARG B 142 -4.17 6.63 14.72
CA ARG B 142 -3.83 5.25 15.06
C ARG B 142 -2.50 4.88 14.37
N PHE B 143 -1.87 3.79 14.78
CA PHE B 143 -0.63 3.34 14.16
C PHE B 143 -0.93 2.11 13.34
N VAL B 144 -0.72 2.16 12.03
CA VAL B 144 -1.02 1.02 11.17
C VAL B 144 0.25 0.33 10.67
N TYR B 145 0.13 -0.98 10.44
CA TYR B 145 1.20 -1.85 10.00
C TYR B 145 0.69 -2.57 8.81
N ARG B 146 1.39 -2.47 7.68
CA ARG B 146 0.95 -3.16 6.47
C ARG B 146 1.98 -4.15 5.97
N ILE B 147 1.51 -5.33 5.55
CA ILE B 147 2.32 -6.34 4.90
C ILE B 147 1.59 -6.48 3.59
N HIS B 148 2.14 -5.88 2.53
CA HIS B 148 1.47 -5.86 1.24
C HIS B 148 2.11 -6.85 0.29
N ARG B 149 1.29 -7.67 -0.38
CA ARG B 149 1.76 -8.67 -1.36
CA ARG B 149 1.77 -8.65 -1.38
C ARG B 149 3.00 -9.45 -0.94
N SER B 150 2.98 -10.02 0.28
CA SER B 150 4.09 -10.85 0.77
C SER B 150 4.02 -12.14 -0.03
N PRO B 151 5.07 -12.46 -0.81
CA PRO B 151 4.99 -13.67 -1.66
C PRO B 151 4.87 -14.94 -0.84
N MET B 152 4.07 -15.90 -1.33
CA MET B 152 3.96 -17.19 -0.68
C MET B 152 5.23 -17.97 -0.99
N CYS B 153 5.65 -18.81 -0.03
CA CYS B 153 6.82 -19.65 -0.24
C CYS B 153 6.45 -20.82 -1.19
N GLU B 154 7.45 -21.45 -1.79
CA GLU B 154 7.22 -22.56 -2.72
C GLU B 154 6.46 -23.72 -2.08
N TYR B 155 6.61 -23.91 -0.76
CA TYR B 155 5.90 -24.97 -0.06
C TYR B 155 4.39 -24.77 -0.17
N MET B 156 3.93 -23.52 0.04
CA MET B 156 2.53 -23.17 -0.03
C MET B 156 1.97 -23.17 -1.45
N ILE B 157 2.73 -22.68 -2.44
CA ILE B 157 2.28 -22.69 -3.82
C ILE B 157 2.13 -24.16 -4.30
N ASN B 158 3.07 -25.04 -3.92
CA ASN B 158 2.99 -26.46 -4.28
C ASN B 158 1.81 -27.12 -3.57
N PHE B 159 1.56 -26.76 -2.31
CA PHE B 159 0.43 -27.27 -1.54
C PHE B 159 -0.92 -26.88 -2.15
N ILE B 160 -1.09 -25.62 -2.59
CA ILE B 160 -2.32 -25.16 -3.23
C ILE B 160 -2.51 -25.88 -4.58
N HIS B 161 -1.42 -26.05 -5.33
CA HIS B 161 -1.42 -26.77 -6.61
C HIS B 161 -1.86 -28.21 -6.41
N LYS B 162 -1.35 -28.85 -5.36
CA LYS B 162 -1.69 -30.23 -4.99
C LYS B 162 -3.20 -30.33 -4.71
N LEU B 163 -3.75 -29.47 -3.84
CA LEU B 163 -5.19 -29.46 -3.52
C LEU B 163 -6.07 -29.28 -4.76
N LYS B 164 -5.67 -28.40 -5.68
CA LYS B 164 -6.46 -28.14 -6.89
C LYS B 164 -6.48 -29.35 -7.85
N HIS B 165 -5.41 -30.16 -7.85
CA HIS B 165 -5.36 -31.35 -8.70
C HIS B 165 -6.08 -32.58 -8.12
N LEU B 166 -6.80 -32.42 -7.00
CA LEU B 166 -7.55 -33.52 -6.40
C LEU B 166 -8.92 -33.58 -7.06
N PRO B 167 -9.35 -34.78 -7.48
CA PRO B 167 -10.63 -34.90 -8.20
C PRO B 167 -11.90 -34.62 -7.40
N GLU B 168 -11.83 -34.60 -6.06
CA GLU B 168 -13.01 -34.37 -5.24
C GLU B 168 -12.75 -33.36 -4.13
N LYS B 169 -13.77 -32.57 -3.77
CA LYS B 169 -13.63 -31.60 -2.68
C LYS B 169 -13.48 -32.26 -1.30
N TYR B 170 -14.00 -33.50 -1.15
CA TYR B 170 -13.86 -34.24 0.10
C TYR B 170 -12.41 -34.71 0.33
N MET B 171 -11.65 -34.92 -0.75
CA MET B 171 -10.25 -35.31 -0.66
C MET B 171 -9.41 -34.11 -0.22
N MET B 172 -9.75 -32.90 -0.71
CA MET B 172 -9.08 -31.66 -0.32
C MET B 172 -9.30 -31.40 1.16
N ASN B 173 -10.50 -31.68 1.66
CA ASN B 173 -10.82 -31.50 3.07
C ASN B 173 -10.00 -32.43 3.97
N SER B 174 -9.77 -33.67 3.53
CA SER B 174 -8.98 -34.64 4.29
C SER B 174 -7.52 -34.19 4.41
N VAL B 175 -6.99 -33.49 3.38
CA VAL B 175 -5.63 -32.98 3.42
C VAL B 175 -5.62 -31.75 4.33
N LEU B 176 -6.54 -30.79 4.07
CA LEU B 176 -6.66 -29.55 4.85
C LEU B 176 -6.88 -29.77 6.34
N GLU B 177 -7.41 -30.95 6.71
CA GLU B 177 -7.66 -31.43 8.06
C GLU B 177 -6.36 -31.43 8.88
N ASN B 178 -5.19 -31.71 8.26
CA ASN B 178 -3.90 -31.71 8.98
C ASN B 178 -2.98 -30.51 8.64
N PHE B 179 -3.53 -29.52 7.96
CA PHE B 179 -2.85 -28.30 7.58
C PHE B 179 -3.36 -27.14 8.46
N THR B 180 -2.44 -26.45 9.15
CA THR B 180 -2.77 -25.32 9.99
C THR B 180 -1.74 -24.20 9.83
N ILE B 181 -2.13 -22.97 10.20
CA ILE B 181 -1.23 -21.83 10.21
C ILE B 181 -1.33 -21.16 11.57
N LEU B 182 -0.21 -20.87 12.22
CA LEU B 182 -0.20 -20.17 13.49
C LEU B 182 0.50 -18.86 13.32
N GLN B 183 -0.24 -17.77 13.53
CA GLN B 183 0.32 -16.44 13.40
C GLN B 183 0.54 -15.84 14.77
N VAL B 184 1.78 -15.42 15.06
CA VAL B 184 2.16 -14.84 16.36
C VAL B 184 2.77 -13.49 16.14
N VAL B 185 2.10 -12.44 16.58
CA VAL B 185 2.62 -11.09 16.48
C VAL B 185 3.16 -10.69 17.85
N THR B 186 4.39 -10.24 17.89
CA THR B 186 5.02 -9.81 19.13
C THR B 186 5.58 -8.41 18.98
N SER B 187 5.84 -7.73 20.09
CA SER B 187 6.51 -6.42 20.07
C SER B 187 7.99 -6.77 19.84
N ARG B 188 8.60 -6.22 18.80
CA ARG B 188 9.97 -6.53 18.42
C ARG B 188 10.98 -6.51 19.57
N ASP B 189 11.00 -5.41 20.33
CA ASP B 189 11.98 -5.23 21.39
C ASP B 189 11.65 -5.98 22.68
N SER B 190 10.43 -5.86 23.21
CA SER B 190 10.06 -6.54 24.46
C SER B 190 9.78 -8.02 24.30
N GLN B 191 9.45 -8.48 23.09
CA GLN B 191 9.06 -9.85 22.79
C GLN B 191 7.74 -10.26 23.48
N GLU B 192 6.92 -9.28 23.85
CA GLU B 192 5.63 -9.51 24.48
C GLU B 192 4.62 -9.88 23.38
N THR B 193 3.72 -10.83 23.65
CA THR B 193 2.71 -11.31 22.71
C THR B 193 1.60 -10.28 22.54
N LEU B 194 1.38 -9.82 21.31
CA LEU B 194 0.38 -8.82 20.97
C LEU B 194 -0.89 -9.48 20.41
N LEU B 195 -0.74 -10.52 19.58
CA LEU B 195 -1.89 -11.15 18.93
C LEU B 195 -1.48 -12.53 18.45
N VAL B 196 -2.32 -13.55 18.69
CA VAL B 196 -2.09 -14.91 18.24
C VAL B 196 -3.34 -15.40 17.53
N ILE B 197 -3.19 -15.83 16.29
CA ILE B 197 -4.31 -16.33 15.50
C ILE B 197 -3.98 -17.70 14.97
N ALA B 198 -4.80 -18.66 15.36
CA ALA B 198 -4.65 -20.02 14.89
C ALA B 198 -5.62 -20.17 13.71
N PHE B 199 -5.15 -20.67 12.59
CA PHE B 199 -5.99 -20.85 11.41
C PHE B 199 -6.19 -22.30 11.09
N VAL B 200 -7.45 -22.71 10.95
CA VAL B 200 -7.82 -24.07 10.54
C VAL B 200 -8.61 -23.97 9.21
N PHE B 201 -8.58 -25.03 8.40
CA PHE B 201 -9.10 -24.92 7.03
C PHE B 201 -10.00 -26.04 6.55
N GLU B 202 -10.89 -25.67 5.64
CA GLU B 202 -11.82 -26.50 4.89
C GLU B 202 -11.98 -25.87 3.49
N VAL B 203 -12.51 -26.61 2.54
CA VAL B 203 -12.77 -26.09 1.20
C VAL B 203 -14.18 -25.53 1.21
N SER B 204 -14.41 -24.44 0.50
CA SER B 204 -15.72 -23.82 0.42
C SER B 204 -16.60 -24.55 -0.60
N THR B 205 -17.78 -24.99 -0.18
CA THR B 205 -18.77 -25.61 -1.07
C THR B 205 -19.85 -24.60 -1.53
N SER B 206 -19.93 -23.43 -0.84
CA SER B 206 -20.85 -22.33 -1.05
C SER B 206 -20.62 -21.60 -2.37
N GLU B 207 -21.73 -21.10 -2.95
CA GLU B 207 -21.70 -20.30 -4.18
C GLU B 207 -21.30 -18.84 -3.88
N HIS B 208 -21.40 -18.39 -2.61
CA HIS B 208 -21.00 -17.06 -2.16
C HIS B 208 -19.46 -16.94 -1.95
N GLY B 209 -18.69 -17.91 -2.45
CA GLY B 209 -17.23 -17.94 -2.34
C GLY B 209 -16.71 -18.36 -0.98
N ALA B 210 -15.52 -17.84 -0.64
CA ALA B 210 -14.80 -18.10 0.61
C ALA B 210 -15.54 -17.52 1.80
N GLN B 211 -15.46 -18.22 2.93
CA GLN B 211 -16.12 -17.79 4.17
C GLN B 211 -15.21 -18.05 5.37
N HIS B 212 -15.51 -17.39 6.50
CA HIS B 212 -14.74 -17.60 7.73
C HIS B 212 -15.57 -17.39 9.00
N HIS B 213 -15.10 -17.99 10.11
CA HIS B 213 -15.71 -17.78 11.41
C HIS B 213 -14.59 -17.54 12.42
N VAL B 214 -14.75 -16.51 13.23
CA VAL B 214 -13.81 -16.15 14.28
C VAL B 214 -14.31 -16.63 15.67
N TYR B 215 -13.40 -17.16 16.46
CA TYR B 215 -13.65 -17.65 17.82
C TYR B 215 -12.60 -17.12 18.77
N LYS B 216 -12.99 -16.91 20.02
CA LYS B 216 -12.08 -16.46 21.05
C LYS B 216 -11.57 -17.73 21.73
N LEU B 217 -10.25 -17.85 21.89
CA LEU B 217 -9.67 -19.03 22.54
C LEU B 217 -9.66 -18.85 24.04
N VAL B 218 -10.30 -19.78 24.75
CA VAL B 218 -10.43 -19.73 26.22
C VAL B 218 -9.75 -20.95 26.89
N LYS B 219 -9.70 -20.97 28.24
CA LYS B 219 -9.13 -22.10 28.97
C LYS B 219 -10.03 -22.47 30.15
N THR C 4 35.49 -14.00 -0.82
CA THR C 4 34.34 -13.10 -0.69
C THR C 4 33.12 -13.67 -1.41
N ILE C 5 32.02 -13.84 -0.66
CA ILE C 5 30.77 -14.34 -1.22
C ILE C 5 29.96 -13.13 -1.65
N ALA C 6 29.95 -12.84 -2.94
CA ALA C 6 29.21 -11.70 -3.47
C ALA C 6 28.75 -11.90 -4.88
N SER C 7 27.48 -11.60 -5.14
CA SER C 7 26.94 -11.65 -6.48
C SER C 7 27.06 -10.19 -7.09
N SER C 8 26.41 -9.90 -8.23
CA SER C 8 26.41 -8.53 -8.76
C SER C 8 25.44 -7.61 -7.97
N ARG C 9 24.45 -8.19 -7.24
CA ARG C 9 23.47 -7.39 -6.54
C ARG C 9 23.52 -7.45 -5.00
N LEU C 10 24.28 -8.35 -4.40
CA LEU C 10 24.32 -8.46 -2.93
C LEU C 10 25.58 -9.15 -2.49
N ARG C 11 26.10 -8.79 -1.32
CA ARG C 11 27.33 -9.39 -0.75
C ARG C 11 27.07 -9.95 0.66
N LEU C 12 27.63 -11.11 1.00
CA LEU C 12 27.53 -11.65 2.34
C LEU C 12 28.69 -11.04 3.11
N LEU C 13 28.41 -10.24 4.13
CA LEU C 13 29.46 -9.61 4.95
C LEU C 13 29.85 -10.50 6.12
N GLU C 14 28.89 -11.17 6.75
CA GLU C 14 29.17 -11.98 7.94
C GLU C 14 28.10 -13.07 8.14
N TYR C 15 28.49 -14.21 8.73
CA TYR C 15 27.57 -15.28 9.02
C TYR C 15 28.13 -16.08 10.18
N SER C 16 27.32 -16.32 11.22
CA SER C 16 27.76 -17.14 12.35
C SER C 16 26.62 -17.86 13.04
N ALA C 17 26.83 -19.15 13.35
CA ALA C 17 25.88 -19.97 14.09
C ALA C 17 26.56 -20.16 15.45
N PHE C 18 25.84 -19.92 16.55
CA PHE C 18 26.47 -19.93 17.86
C PHE C 18 25.54 -20.38 18.99
N MET C 19 26.11 -20.50 20.19
CA MET C 19 25.38 -20.77 21.43
C MET C 19 25.89 -19.75 22.47
N GLU C 20 24.99 -18.98 23.09
CA GLU C 20 25.33 -17.99 24.11
C GLU C 20 24.75 -18.44 25.44
N VAL C 21 25.45 -18.20 26.53
CA VAL C 21 24.95 -18.49 27.87
C VAL C 21 25.14 -17.23 28.71
N GLN C 22 24.03 -16.59 29.12
CA GLN C 22 24.07 -15.42 29.99
C GLN C 22 23.76 -15.93 31.40
N ARG C 23 24.77 -16.53 32.05
CA ARG C 23 24.71 -17.10 33.40
C ARG C 23 24.05 -16.14 34.40
N ASP C 24 24.49 -14.89 34.40
CA ASP C 24 23.95 -13.87 35.31
C ASP C 24 24.05 -12.46 34.64
N PRO C 25 23.49 -11.39 35.23
CA PRO C 25 23.58 -10.07 34.59
C PRO C 25 24.98 -9.59 34.20
N ASP C 26 26.03 -10.13 34.81
CA ASP C 26 27.41 -9.72 34.50
C ASP C 26 28.26 -10.82 33.87
N THR C 27 27.66 -11.95 33.48
CA THR C 27 28.43 -13.06 32.91
C THR C 27 27.82 -13.56 31.61
N TYR C 28 28.63 -13.59 30.55
CA TYR C 28 28.19 -14.00 29.23
C TYR C 28 29.27 -14.83 28.52
N SER C 29 28.91 -15.99 27.96
CA SER C 29 29.85 -16.86 27.22
C SER C 29 29.27 -17.16 25.86
N LYS C 30 30.09 -17.14 24.82
CA LYS C 30 29.62 -17.38 23.46
C LYS C 30 30.52 -18.38 22.75
N HIS C 31 29.91 -19.46 22.24
CA HIS C 31 30.63 -20.48 21.49
C HIS C 31 30.20 -20.42 20.03
N LEU C 32 31.14 -20.23 19.10
CA LEU C 32 30.80 -20.21 17.68
C LEU C 32 30.92 -21.59 17.11
N PHE C 33 29.87 -22.10 16.45
CA PHE C 33 29.93 -23.41 15.80
C PHE C 33 30.64 -23.22 14.45
N VAL C 34 30.22 -22.21 13.68
CA VAL C 34 30.78 -21.87 12.37
C VAL C 34 30.81 -20.32 12.27
N HIS C 35 31.70 -19.78 11.43
N HIS C 35 31.70 -19.76 11.42
CA HIS C 35 31.81 -18.33 11.24
CA HIS C 35 31.79 -18.30 11.26
C HIS C 35 32.43 -17.94 9.90
C HIS C 35 32.46 -17.90 9.95
N ILE C 36 31.96 -16.84 9.32
CA ILE C 36 32.46 -16.25 8.08
C ILE C 36 32.49 -14.74 8.42
N GLY C 37 33.66 -14.10 8.31
CA GLY C 37 33.78 -12.70 8.68
C GLY C 37 34.18 -11.73 7.58
N GLN C 38 34.63 -10.52 8.01
CA GLN C 38 35.13 -9.36 7.24
C GLN C 38 34.98 -9.43 5.72
N PRO C 47 41.75 -15.86 -4.87
CA PRO C 47 40.78 -16.27 -5.90
C PRO C 47 39.99 -17.52 -5.48
N LEU C 48 38.70 -17.59 -5.85
CA LEU C 48 37.87 -18.73 -5.48
C LEU C 48 38.02 -19.91 -6.43
N GLU C 49 38.17 -21.11 -5.88
CA GLU C 49 38.20 -22.32 -6.67
C GLU C 49 36.75 -22.62 -7.09
N ALA C 50 36.59 -23.23 -8.25
CA ALA C 50 35.28 -23.56 -8.77
C ALA C 50 34.92 -25.01 -8.52
N VAL C 51 33.64 -25.25 -8.24
CA VAL C 51 33.07 -26.58 -8.04
C VAL C 51 31.87 -26.67 -8.96
N ASP C 52 31.80 -27.74 -9.78
CA ASP C 52 30.68 -27.92 -10.69
C ASP C 52 29.41 -28.20 -9.85
N VAL C 53 28.34 -27.46 -10.13
CA VAL C 53 27.09 -27.56 -9.38
C VAL C 53 26.45 -28.97 -9.47
N ARG C 54 26.70 -29.69 -10.56
CA ARG C 54 26.19 -31.05 -10.73
C ARG C 54 26.81 -32.06 -9.72
N GLN C 55 27.97 -31.71 -9.13
CA GLN C 55 28.60 -32.54 -8.10
C GLN C 55 27.86 -32.48 -6.76
N ILE C 56 26.96 -31.48 -6.54
CA ILE C 56 26.25 -31.35 -5.26
C ILE C 56 24.71 -31.47 -5.36
N TYR C 57 24.19 -31.80 -6.55
CA TYR C 57 22.73 -31.90 -6.76
C TYR C 57 22.01 -32.91 -5.84
N ASP C 58 22.66 -34.04 -5.55
CA ASP C 58 22.06 -35.07 -4.68
C ASP C 58 21.91 -34.67 -3.21
N LYS C 59 22.67 -33.66 -2.77
CA LYS C 59 22.64 -33.21 -1.38
C LYS C 59 21.55 -32.17 -1.06
N PHE C 60 20.91 -31.62 -2.10
CA PHE C 60 19.90 -30.57 -1.93
C PHE C 60 18.56 -30.96 -2.56
N PRO C 61 17.42 -30.32 -2.19
CA PRO C 61 16.12 -30.71 -2.79
C PRO C 61 16.16 -30.47 -4.30
N GLU C 62 15.71 -31.46 -5.11
CA GLU C 62 15.87 -31.38 -6.54
C GLU C 62 14.59 -31.54 -7.40
N LYS C 63 13.46 -31.01 -6.96
CA LYS C 63 12.24 -31.00 -7.78
C LYS C 63 11.84 -29.50 -7.98
N LYS C 64 10.59 -29.07 -7.69
CA LYS C 64 10.20 -27.66 -7.85
C LYS C 64 10.94 -26.80 -6.81
N GLY C 65 11.55 -25.71 -7.27
CA GLY C 65 12.33 -24.82 -6.41
C GLY C 65 13.63 -25.42 -5.91
N GLY C 66 14.14 -26.41 -6.61
CA GLY C 66 15.39 -27.07 -6.23
C GLY C 66 16.64 -26.32 -6.63
N LEU C 67 17.83 -26.81 -6.23
CA LEU C 67 19.09 -26.17 -6.58
C LEU C 67 19.30 -26.13 -8.10
N LYS C 68 18.96 -27.24 -8.80
CA LYS C 68 19.09 -27.33 -10.25
C LYS C 68 18.21 -26.30 -10.92
N GLU C 69 16.95 -26.20 -10.49
CA GLU C 69 16.00 -25.25 -11.05
C GLU C 69 16.40 -23.80 -10.78
N LEU C 70 16.89 -23.51 -9.56
CA LEU C 70 17.35 -22.17 -9.18
C LEU C 70 18.54 -21.75 -10.02
N TYR C 71 19.50 -22.68 -10.25
CA TYR C 71 20.70 -22.41 -11.05
C TYR C 71 20.34 -22.12 -12.51
N GLU C 72 19.39 -22.87 -13.08
CA GLU C 72 18.93 -22.66 -14.45
C GLU C 72 18.25 -21.29 -14.59
N LYS C 73 17.50 -20.87 -13.57
CA LYS C 73 16.86 -19.55 -13.56
C LYS C 73 17.95 -18.46 -13.56
N GLY C 74 18.99 -18.65 -12.77
CA GLY C 74 20.12 -17.74 -12.72
C GLY C 74 19.91 -16.53 -11.83
N PRO C 75 20.88 -15.58 -11.79
CA PRO C 75 22.16 -15.55 -12.52
C PRO C 75 23.20 -16.50 -11.93
N PRO C 76 24.03 -17.14 -12.78
CA PRO C 76 25.06 -18.07 -12.26
C PRO C 76 26.04 -17.47 -11.28
N ASN C 77 26.27 -16.13 -11.35
CA ASN C 77 27.18 -15.41 -10.46
C ASN C 77 26.72 -15.31 -9.01
N ALA C 78 25.46 -15.71 -8.73
CA ALA C 78 24.91 -15.65 -7.37
C ALA C 78 25.14 -16.95 -6.59
N PHE C 79 25.65 -18.03 -7.22
CA PHE C 79 25.77 -19.36 -6.59
C PHE C 79 27.14 -19.69 -6.02
N PHE C 80 27.16 -19.96 -4.71
CA PHE C 80 28.34 -20.27 -3.93
C PHE C 80 28.15 -21.53 -3.08
N LEU C 81 29.26 -22.19 -2.74
CA LEU C 81 29.25 -23.36 -1.89
C LEU C 81 30.22 -23.12 -0.74
N VAL C 82 29.76 -23.35 0.49
CA VAL C 82 30.64 -23.21 1.64
C VAL C 82 30.73 -24.53 2.35
N LYS C 83 31.94 -25.02 2.54
CA LYS C 83 32.17 -26.26 3.26
C LYS C 83 32.59 -25.84 4.66
N PHE C 84 31.86 -26.31 5.70
CA PHE C 84 32.18 -25.94 7.07
C PHE C 84 32.77 -27.10 7.84
N TRP C 85 33.64 -26.77 8.79
CA TRP C 85 34.19 -27.71 9.74
C TRP C 85 33.75 -27.11 11.07
N ALA C 86 32.57 -27.54 11.53
CA ALA C 86 31.93 -27.03 12.73
C ALA C 86 32.64 -27.38 14.02
N ASP C 87 32.81 -26.39 14.89
CA ASP C 87 33.40 -26.59 16.19
C ASP C 87 32.28 -27.06 17.16
N LEU C 88 32.28 -28.36 17.45
CA LEU C 88 31.29 -28.93 18.36
C LEU C 88 31.87 -29.27 19.73
N ASN C 89 32.98 -28.64 20.11
CA ASN C 89 33.59 -28.86 21.42
C ASN C 89 32.81 -28.10 22.45
N SER C 90 32.51 -28.74 23.58
CA SER C 90 31.78 -28.08 24.66
C SER C 90 32.74 -27.21 25.47
N THR C 91 33.08 -26.04 24.93
CA THR C 91 34.00 -25.10 25.55
C THR C 91 33.32 -24.31 26.66
N ILE C 92 32.05 -23.92 26.45
CA ILE C 92 31.29 -23.18 27.46
C ILE C 92 30.30 -24.11 28.19
N GLN C 93 30.15 -23.93 29.51
CA GLN C 93 29.25 -24.75 30.31
C GLN C 93 27.79 -24.40 30.05
N GLU C 94 27.08 -25.23 29.28
CA GLU C 94 25.68 -25.01 28.96
C GLU C 94 24.75 -25.21 30.14
N GLY C 95 23.99 -24.18 30.48
CA GLY C 95 23.04 -24.27 31.57
C GLY C 95 21.68 -23.79 31.12
N PRO C 96 20.91 -23.21 32.06
CA PRO C 96 19.60 -22.65 31.69
C PRO C 96 19.80 -21.31 30.94
N GLY C 97 18.88 -21.01 30.03
CA GLY C 97 18.99 -19.79 29.25
C GLY C 97 20.14 -19.82 28.26
N ALA C 98 20.40 -21.01 27.67
CA ALA C 98 21.40 -21.10 26.61
C ALA C 98 20.68 -20.80 25.33
N PHE C 99 21.09 -19.72 24.67
CA PHE C 99 20.46 -19.30 23.43
C PHE C 99 21.22 -19.85 22.21
N TYR C 100 20.51 -20.48 21.27
CA TYR C 100 21.12 -20.99 20.05
C TYR C 100 20.63 -20.08 18.95
N GLY C 101 21.55 -19.41 18.26
CA GLY C 101 21.18 -18.45 17.25
C GLY C 101 22.08 -18.32 16.04
N VAL C 102 21.60 -17.56 15.06
CA VAL C 102 22.32 -17.32 13.82
C VAL C 102 22.32 -15.82 13.55
N SER C 103 23.49 -15.25 13.27
CA SER C 103 23.63 -13.84 12.95
C SER C 103 24.27 -13.69 11.57
N SER C 104 23.76 -12.78 10.76
CA SER C 104 24.28 -12.56 9.42
C SER C 104 24.09 -11.12 8.95
N GLN C 105 24.95 -10.68 8.02
CA GLN C 105 24.92 -9.34 7.45
C GLN C 105 25.16 -9.39 5.93
N TYR C 106 24.47 -8.51 5.19
CA TYR C 106 24.49 -8.39 3.73
C TYR C 106 24.47 -6.91 3.27
N SER C 107 24.89 -6.63 2.02
CA SER C 107 24.87 -5.25 1.50
C SER C 107 24.66 -5.14 0.00
N SER C 108 23.99 -4.05 -0.42
CA SER C 108 23.75 -3.80 -1.83
C SER C 108 23.86 -2.31 -2.20
N ALA C 109 24.15 -2.03 -3.47
CA ALA C 109 24.22 -0.66 -3.97
C ALA C 109 22.81 -0.10 -4.21
N ASP C 110 21.82 -0.98 -4.41
CA ASP C 110 20.44 -0.58 -4.65
C ASP C 110 19.54 -0.84 -3.44
N SER C 111 18.53 0.01 -3.27
CA SER C 111 17.56 -0.05 -2.19
C SER C 111 16.56 -1.16 -2.51
N MET C 112 16.49 -2.20 -1.67
CA MET C 112 15.57 -3.32 -1.86
C MET C 112 15.12 -3.87 -0.50
N THR C 113 14.01 -4.60 -0.52
CA THR C 113 13.60 -5.38 0.63
C THR C 113 14.04 -6.79 0.25
N ILE C 114 14.89 -7.43 1.06
CA ILE C 114 15.32 -8.81 0.74
C ILE C 114 14.52 -9.86 1.55
N SER C 115 14.52 -11.08 1.05
CA SER C 115 13.85 -12.18 1.68
C SER C 115 14.88 -13.34 1.76
N VAL C 116 15.33 -13.65 2.98
CA VAL C 116 16.31 -14.71 3.23
C VAL C 116 15.62 -16.04 3.62
N SER C 117 15.68 -17.03 2.75
CA SER C 117 15.12 -18.34 3.00
C SER C 117 16.23 -19.33 3.39
N THR C 118 16.01 -20.11 4.44
CA THR C 118 16.98 -21.07 4.91
C THR C 118 16.32 -22.42 4.93
N LYS C 119 16.75 -23.32 4.06
CA LYS C 119 16.22 -24.66 4.03
C LYS C 119 17.22 -25.59 4.74
N VAL C 120 16.78 -26.23 5.82
CA VAL C 120 17.59 -27.20 6.51
C VAL C 120 17.19 -28.52 5.86
N CYS C 121 18.15 -29.31 5.37
CA CYS C 121 17.88 -30.57 4.66
C CYS C 121 18.55 -31.79 5.32
N SER C 122 17.88 -32.92 5.27
CA SER C 122 18.37 -34.19 5.78
C SER C 122 18.15 -35.20 4.64
N PHE C 123 19.25 -35.82 4.13
CA PHE C 123 19.17 -36.77 3.00
C PHE C 123 18.62 -36.11 1.72
N GLY C 124 18.97 -34.83 1.51
CA GLY C 124 18.54 -34.05 0.37
C GLY C 124 17.09 -33.60 0.42
N LYS C 125 16.34 -33.93 1.50
CA LYS C 125 14.94 -33.54 1.66
C LYS C 125 14.83 -32.38 2.63
N GLN C 126 14.12 -31.32 2.25
CA GLN C 126 13.93 -30.15 3.12
C GLN C 126 13.11 -30.56 4.36
N VAL C 127 13.64 -30.33 5.57
CA VAL C 127 12.95 -30.68 6.83
C VAL C 127 12.31 -29.42 7.44
N VAL C 128 13.09 -28.34 7.51
CA VAL C 128 12.63 -27.06 8.05
C VAL C 128 12.99 -25.95 7.07
N GLU C 129 12.17 -24.90 7.03
CA GLU C 129 12.46 -23.71 6.27
C GLU C 129 12.10 -22.48 7.08
N LYS C 130 12.99 -21.51 7.15
CA LYS C 130 12.79 -20.24 7.81
C LYS C 130 12.94 -19.15 6.74
N VAL C 131 12.00 -18.22 6.67
CA VAL C 131 12.00 -17.15 5.70
C VAL C 131 11.96 -15.86 6.51
N GLU C 132 12.92 -14.98 6.30
CA GLU C 132 12.99 -13.73 7.02
C GLU C 132 13.13 -12.56 6.06
N THR C 133 12.25 -11.58 6.21
CA THR C 133 12.26 -10.38 5.40
C THR C 133 13.15 -9.33 6.05
N GLU C 134 14.06 -8.69 5.27
CA GLU C 134 14.94 -7.65 5.81
C GLU C 134 14.89 -6.38 4.99
N TYR C 135 14.86 -5.25 5.70
CA TYR C 135 14.83 -3.95 5.06
C TYR C 135 16.23 -3.35 5.07
N ALA C 136 16.59 -2.60 4.02
CA ALA C 136 17.90 -1.99 3.97
C ALA C 136 18.02 -0.83 4.96
N ARG C 137 19.23 -0.55 5.39
CA ARG C 137 19.51 0.57 6.26
C ARG C 137 20.67 1.28 5.58
N LEU C 138 20.45 2.51 5.11
CA LEU C 138 21.49 3.23 4.39
C LEU C 138 22.64 3.68 5.29
N GLU C 139 23.82 3.09 5.06
CA GLU C 139 25.05 3.37 5.80
C GLU C 139 26.24 3.46 4.86
N ASN C 140 26.89 4.65 4.78
CA ASN C 140 28.10 4.92 3.99
C ASN C 140 27.91 4.61 2.50
N GLY C 141 26.77 5.02 1.95
CA GLY C 141 26.43 4.79 0.55
C GLY C 141 26.00 3.37 0.23
N ARG C 142 25.79 2.52 1.25
CA ARG C 142 25.40 1.13 1.08
C ARG C 142 24.06 0.84 1.74
N PHE C 143 23.32 -0.10 1.18
CA PHE C 143 22.05 -0.53 1.76
C PHE C 143 22.37 -1.82 2.50
N VAL C 144 22.48 -1.73 3.84
CA VAL C 144 22.89 -2.85 4.71
C VAL C 144 21.72 -3.55 5.42
N TYR C 145 21.75 -4.89 5.42
CA TYR C 145 20.74 -5.76 6.01
C TYR C 145 21.37 -6.61 7.11
N ARG C 146 20.75 -6.66 8.30
CA ARG C 146 21.21 -7.46 9.42
C ARG C 146 20.15 -8.39 9.93
N ILE C 147 20.56 -9.63 10.25
CA ILE C 147 19.71 -10.61 10.91
C ILE C 147 20.52 -10.88 12.15
N HIS C 148 20.12 -10.30 13.28
CA HIS C 148 20.86 -10.44 14.51
C HIS C 148 20.16 -11.43 15.44
N ARG C 149 20.91 -12.39 15.99
CA ARG C 149 20.40 -13.38 16.93
C ARG C 149 19.08 -14.04 16.52
N SER C 150 18.97 -14.51 15.28
CA SER C 150 17.78 -15.20 14.81
C SER C 150 17.78 -16.56 15.50
N PRO C 151 16.75 -16.88 16.31
CA PRO C 151 16.78 -18.13 17.07
C PRO C 151 16.78 -19.35 16.17
N MET C 152 17.55 -20.39 16.55
CA MET C 152 17.52 -21.67 15.83
C MET C 152 16.21 -22.36 16.25
N CYS C 153 15.60 -23.11 15.33
CA CYS C 153 14.38 -23.84 15.67
C CYS C 153 14.73 -25.08 16.53
N GLU C 154 13.74 -25.66 17.22
CA GLU C 154 13.97 -26.80 18.09
C GLU C 154 14.56 -28.00 17.36
N TYR C 155 14.29 -28.14 16.05
CA TYR C 155 14.84 -29.23 15.25
C TYR C 155 16.39 -29.13 15.25
N MET C 156 16.91 -27.92 15.05
CA MET C 156 18.33 -27.67 14.99
C MET C 156 19.04 -27.77 16.33
N ILE C 157 18.40 -27.32 17.42
CA ILE C 157 18.96 -27.46 18.77
C ILE C 157 19.02 -28.94 19.17
N ASN C 158 17.96 -29.71 18.85
CA ASN C 158 17.94 -31.13 19.16
C ASN C 158 19.00 -31.86 18.35
N PHE C 159 19.19 -31.47 17.08
CA PHE C 159 20.20 -32.04 16.20
C PHE C 159 21.63 -31.78 16.71
N ILE C 160 21.93 -30.54 17.17
CA ILE C 160 23.24 -30.21 17.73
C ILE C 160 23.48 -31.01 19.01
N HIS C 161 22.45 -31.13 19.86
CA HIS C 161 22.51 -31.89 21.11
C HIS C 161 22.82 -33.35 20.81
N LYS C 162 22.16 -33.92 19.79
CA LYS C 162 22.37 -35.30 19.36
C LYS C 162 23.83 -35.52 18.96
N LEU C 163 24.39 -34.68 18.07
CA LEU C 163 25.78 -34.79 17.64
C LEU C 163 26.75 -34.74 18.84
N LYS C 164 26.53 -33.80 19.77
CA LYS C 164 27.42 -33.65 20.92
C LYS C 164 27.45 -34.90 21.82
N HIS C 165 26.32 -35.62 21.89
CA HIS C 165 26.26 -36.84 22.70
C HIS C 165 26.84 -38.09 22.03
N LEU C 166 27.47 -37.93 20.84
CA LEU C 166 28.09 -39.06 20.14
C LEU C 166 29.51 -39.22 20.66
N PRO C 167 29.90 -40.45 21.04
CA PRO C 167 31.24 -40.65 21.61
C PRO C 167 32.44 -40.48 20.70
N GLU C 168 32.24 -40.40 19.37
CA GLU C 168 33.36 -40.26 18.43
C GLU C 168 33.08 -39.21 17.39
N LYS C 169 34.13 -38.48 16.97
CA LYS C 169 33.97 -37.45 15.95
C LYS C 169 33.74 -38.05 14.56
N TYR C 170 34.13 -39.31 14.32
CA TYR C 170 33.84 -39.95 13.04
C TYR C 170 32.34 -40.27 12.91
N MET C 171 31.65 -40.48 14.06
CA MET C 171 30.22 -40.72 14.11
C MET C 171 29.49 -39.40 13.80
N MET C 172 29.99 -38.25 14.30
CA MET C 172 29.41 -36.94 14.00
C MET C 172 29.57 -36.59 12.51
N ASN C 173 30.62 -37.08 11.86
CA ASN C 173 30.85 -36.85 10.44
C ASN C 173 29.89 -37.66 9.57
N SER C 174 29.57 -38.90 9.99
CA SER C 174 28.62 -39.74 9.25
C SER C 174 27.20 -39.12 9.29
N VAL C 175 26.85 -38.43 10.38
CA VAL C 175 25.56 -37.78 10.49
C VAL C 175 25.58 -36.51 9.63
N LEU C 176 26.61 -35.67 9.83
CA LEU C 176 26.81 -34.43 9.09
C LEU C 176 26.95 -34.60 7.58
N GLU C 177 27.26 -35.81 7.14
CA GLU C 177 27.37 -36.23 5.74
C GLU C 177 26.02 -36.04 5.04
N ASN C 178 24.91 -36.27 5.77
CA ASN C 178 23.55 -36.20 5.26
C ASN C 178 22.82 -34.89 5.60
N PHE C 179 23.49 -33.96 6.27
CA PHE C 179 22.91 -32.69 6.67
C PHE C 179 23.43 -31.56 5.78
N THR C 180 22.50 -30.81 5.17
CA THR C 180 22.88 -29.64 4.36
C THR C 180 21.98 -28.47 4.66
N ILE C 181 22.44 -27.25 4.31
CA ILE C 181 21.64 -26.05 4.46
C ILE C 181 21.70 -25.30 3.14
N LEU C 182 20.56 -24.85 2.63
CA LEU C 182 20.51 -24.08 1.39
C LEU C 182 19.93 -22.72 1.69
N GLN C 183 20.73 -21.68 1.51
CA GLN C 183 20.30 -20.32 1.77
C GLN C 183 20.03 -19.60 0.45
N VAL C 184 18.82 -19.07 0.27
CA VAL C 184 18.39 -18.39 -0.94
C VAL C 184 17.89 -17.01 -0.59
N VAL C 185 18.63 -15.98 -1.02
CA VAL C 185 18.24 -14.61 -0.81
C VAL C 185 17.63 -14.07 -2.10
N THR C 186 16.41 -13.55 -2.02
CA THR C 186 15.73 -12.99 -3.18
C THR C 186 15.30 -11.55 -2.89
N SER C 187 14.98 -10.79 -3.96
CA SER C 187 14.39 -9.46 -3.81
C SER C 187 12.93 -9.77 -3.49
N ARG C 188 12.42 -9.29 -2.37
CA ARG C 188 11.06 -9.57 -1.95
C ARG C 188 9.99 -9.29 -2.99
N ASP C 189 10.06 -8.11 -3.65
CA ASP C 189 9.02 -7.76 -4.60
C ASP C 189 9.15 -8.41 -5.98
N SER C 190 10.33 -8.36 -6.60
CA SER C 190 10.51 -8.97 -7.92
C SER C 190 10.73 -10.49 -7.89
N GLN C 191 11.11 -11.04 -6.72
CA GLN C 191 11.43 -12.46 -6.51
C GLN C 191 12.67 -12.90 -7.31
N GLU C 192 13.59 -11.97 -7.55
CA GLU C 192 14.80 -12.28 -8.28
C GLU C 192 15.87 -12.82 -7.35
N THR C 193 16.60 -13.83 -7.79
CA THR C 193 17.67 -14.42 -7.01
C THR C 193 18.85 -13.48 -6.86
N LEU C 194 19.18 -13.11 -5.61
CA LEU C 194 20.28 -12.20 -5.31
C LEU C 194 21.53 -12.96 -4.89
N LEU C 195 21.39 -14.04 -4.11
CA LEU C 195 22.53 -14.79 -3.60
C LEU C 195 22.05 -16.19 -3.15
N VAL C 196 22.80 -17.23 -3.52
CA VAL C 196 22.50 -18.61 -3.14
C VAL C 196 23.75 -19.23 -2.56
N ILE C 197 23.66 -19.74 -1.33
CA ILE C 197 24.76 -20.39 -0.65
C ILE C 197 24.38 -21.77 -0.20
N ALA C 198 25.08 -22.77 -0.70
CA ALA C 198 24.87 -24.15 -0.34
C ALA C 198 25.90 -24.46 0.75
N PHE C 199 25.48 -25.00 1.88
CA PHE C 199 26.39 -25.33 2.97
C PHE C 199 26.48 -26.83 3.19
N VAL C 200 27.71 -27.35 3.19
CA VAL C 200 27.98 -28.74 3.51
C VAL C 200 28.84 -28.79 4.80
N PHE C 201 28.78 -29.90 5.55
CA PHE C 201 29.37 -29.93 6.88
C PHE C 201 30.22 -31.14 7.24
N GLU C 202 31.18 -30.88 8.12
CA GLU C 202 32.06 -31.83 8.78
C GLU C 202 32.34 -31.28 10.20
N VAL C 203 32.85 -32.12 11.09
CA VAL C 203 33.24 -31.70 12.42
C VAL C 203 34.74 -31.25 12.35
N SER C 204 35.10 -30.21 13.09
CA SER C 204 36.46 -29.72 13.08
C SER C 204 37.28 -30.52 14.06
N THR C 205 38.45 -30.96 13.60
CA THR C 205 39.40 -31.71 14.42
C THR C 205 40.58 -30.82 14.90
N SER C 206 40.78 -29.65 14.24
CA SER C 206 41.80 -28.65 14.50
C SER C 206 41.64 -27.98 15.87
N GLU C 207 42.79 -27.58 16.46
CA GLU C 207 42.83 -26.84 17.72
C GLU C 207 42.53 -25.34 17.51
N HIS C 208 42.67 -24.84 16.26
CA HIS C 208 42.33 -23.46 15.85
C HIS C 208 40.81 -23.23 15.65
N GLY C 209 40.00 -24.15 16.15
CA GLY C 209 38.55 -24.08 16.07
C GLY C 209 37.96 -24.41 14.71
N ALA C 210 36.80 -23.83 14.46
CA ALA C 210 36.03 -23.97 13.25
C ALA C 210 36.75 -23.39 12.05
N GLN C 211 36.54 -24.00 10.88
CA GLN C 211 37.13 -23.57 9.63
C GLN C 211 36.15 -23.69 8.48
N HIS C 212 36.40 -23.00 7.36
CA HIS C 212 35.54 -23.08 6.19
C HIS C 212 36.30 -22.86 4.87
N HIS C 213 35.73 -23.33 3.75
N HIS C 213 35.74 -23.36 3.75
CA HIS C 213 36.28 -23.13 2.43
CA HIS C 213 36.31 -23.19 2.42
C HIS C 213 35.14 -22.70 1.51
C HIS C 213 35.17 -22.74 1.47
N VAL C 214 35.30 -21.57 0.83
CA VAL C 214 34.32 -21.03 -0.10
C VAL C 214 34.68 -21.44 -1.53
N TYR C 215 33.67 -21.79 -2.32
CA TYR C 215 33.79 -22.20 -3.71
C TYR C 215 32.75 -21.48 -4.55
N LYS C 216 33.09 -21.19 -5.80
CA LYS C 216 32.15 -20.61 -6.74
C LYS C 216 31.50 -21.79 -7.49
N LEU C 217 30.16 -21.81 -7.57
CA LEU C 217 29.47 -22.90 -8.25
C LEU C 217 29.37 -22.60 -9.75
N VAL C 218 29.93 -23.50 -10.58
CA VAL C 218 29.97 -23.34 -12.04
C VAL C 218 29.20 -24.48 -12.76
N LYS C 219 28.96 -24.34 -14.09
CA LYS C 219 28.29 -25.39 -14.86
C LYS C 219 29.04 -25.71 -16.14
N THR D 4 -27.44 23.61 12.98
CA THR D 4 -26.18 22.86 12.91
C THR D 4 -26.21 21.80 11.82
N ILE D 5 -25.22 21.87 10.90
CA ILE D 5 -25.08 20.92 9.80
C ILE D 5 -24.20 19.81 10.28
N ALA D 6 -24.79 18.68 10.66
CA ALA D 6 -24.02 17.53 11.16
C ALA D 6 -24.74 16.22 10.90
N SER D 7 -24.05 15.23 10.34
CA SER D 7 -24.62 13.89 10.17
C SER D 7 -24.19 13.04 11.42
N SER D 8 -24.35 11.70 11.40
CA SER D 8 -23.90 10.88 12.53
C SER D 8 -22.35 10.76 12.58
N ARG D 9 -21.66 11.03 11.46
CA ARG D 9 -20.20 10.88 11.41
C ARG D 9 -19.41 12.19 11.20
N LEU D 10 -20.04 13.30 10.71
CA LEU D 10 -19.28 14.53 10.46
C LEU D 10 -20.05 15.82 10.68
N ARG D 11 -19.42 16.84 11.30
CA ARG D 11 -20.06 18.14 11.53
C ARG D 11 -19.36 19.29 10.76
N LEU D 12 -20.14 20.17 10.12
CA LEU D 12 -19.59 21.35 9.49
C LEU D 12 -19.52 22.42 10.59
N LEU D 13 -18.31 22.86 10.94
CA LEU D 13 -18.13 23.88 11.96
C LEU D 13 -18.16 25.27 11.38
N GLU D 14 -17.56 25.47 10.19
CA GLU D 14 -17.45 26.80 9.60
C GLU D 14 -17.29 26.72 8.08
N TYR D 15 -17.75 27.74 7.36
CA TYR D 15 -17.63 27.79 5.92
C TYR D 15 -17.70 29.24 5.49
N SER D 16 -16.74 29.71 4.69
CA SER D 16 -16.76 31.07 4.14
C SER D 16 -16.12 31.16 2.77
N ALA D 17 -16.71 31.96 1.90
CA ALA D 17 -16.17 32.26 0.58
C ALA D 17 -15.87 33.76 0.68
N PHE D 18 -14.66 34.18 0.30
CA PHE D 18 -14.26 35.57 0.50
C PHE D 18 -13.28 36.09 -0.54
N MET D 19 -12.98 37.39 -0.47
CA MET D 19 -11.97 38.06 -1.27
C MET D 19 -11.15 38.90 -0.32
N GLU D 20 -9.84 38.73 -0.32
CA GLU D 20 -8.98 39.51 0.54
C GLU D 20 -7.92 40.23 -0.28
N VAL D 21 -7.70 41.50 0.04
CA VAL D 21 -6.74 42.34 -0.68
C VAL D 21 -5.64 42.77 0.29
N GLN D 22 -4.39 42.43 -0.04
CA GLN D 22 -3.24 42.88 0.74
C GLN D 22 -2.55 43.95 -0.11
N ARG D 23 -3.05 45.19 -0.04
CA ARG D 23 -2.54 46.32 -0.81
C ARG D 23 -1.05 46.52 -0.55
N ASP D 24 -0.67 46.65 0.72
CA ASP D 24 0.73 46.80 1.10
C ASP D 24 1.04 45.99 2.38
N PRO D 25 2.31 45.84 2.81
CA PRO D 25 2.59 45.02 4.02
C PRO D 25 1.79 45.38 5.26
N ASP D 26 1.18 46.56 5.29
CA ASP D 26 0.43 47.01 6.43
C ASP D 26 -1.05 47.25 6.14
N THR D 27 -1.60 46.68 5.07
CA THR D 27 -3.01 46.91 4.73
C THR D 27 -3.69 45.68 4.20
N TYR D 28 -4.64 45.17 4.96
CA TYR D 28 -5.39 43.99 4.59
C TYR D 28 -6.88 44.29 4.66
N SER D 29 -7.64 43.91 3.65
CA SER D 29 -9.10 44.07 3.62
C SER D 29 -9.72 42.72 3.26
N LYS D 30 -10.80 42.32 3.92
CA LYS D 30 -11.43 41.04 3.64
C LYS D 30 -12.93 41.20 3.50
N HIS D 31 -13.49 40.78 2.36
CA HIS D 31 -14.92 40.85 2.12
C HIS D 31 -15.48 39.44 2.07
N LEU D 32 -16.47 39.13 2.90
CA LEU D 32 -17.09 37.81 2.91
C LEU D 32 -18.26 37.81 1.97
N PHE D 33 -18.29 36.89 1.01
CA PHE D 33 -19.44 36.76 0.11
C PHE D 33 -20.55 36.00 0.87
N VAL D 34 -20.19 34.88 1.52
CA VAL D 34 -21.08 34.02 2.29
C VAL D 34 -20.35 33.54 3.55
N HIS D 35 -21.07 33.19 4.62
N HIS D 35 -21.06 33.17 4.63
CA HIS D 35 -20.44 32.69 5.84
CA HIS D 35 -20.42 32.68 5.85
C HIS D 35 -21.39 31.84 6.70
C HIS D 35 -21.37 31.89 6.75
N ILE D 36 -20.84 30.82 7.36
CA ILE D 36 -21.56 29.94 8.28
C ILE D 36 -20.57 29.80 9.44
N GLY D 37 -20.98 30.15 10.66
CA GLY D 37 -20.07 30.12 11.81
C GLY D 37 -20.34 29.11 12.91
N GLN D 38 -19.42 29.09 13.92
CA GLN D 38 -19.34 28.27 15.15
C GLN D 38 -18.12 27.31 15.15
N PRO D 47 -34.82 23.84 15.89
CA PRO D 47 -34.86 22.65 15.02
C PRO D 47 -34.86 23.03 13.53
N LEU D 48 -34.25 22.19 12.68
CA LEU D 48 -34.18 22.49 11.24
C LEU D 48 -35.47 22.18 10.49
N GLU D 49 -35.88 23.11 9.63
CA GLU D 49 -37.03 22.92 8.75
C GLU D 49 -36.61 21.94 7.65
N ALA D 50 -37.55 21.15 7.17
CA ALA D 50 -37.29 20.15 6.15
C ALA D 50 -37.68 20.62 4.77
N VAL D 51 -36.90 20.21 3.77
CA VAL D 51 -37.14 20.47 2.37
C VAL D 51 -37.06 19.13 1.66
N ASP D 52 -38.08 18.77 0.87
CA ASP D 52 -38.09 17.52 0.15
C ASP D 52 -37.02 17.57 -0.92
N VAL D 53 -36.15 16.56 -0.96
CA VAL D 53 -35.03 16.47 -1.87
C VAL D 53 -35.46 16.46 -3.34
N ARG D 54 -36.66 15.95 -3.63
CA ARG D 54 -37.19 15.93 -4.99
C ARG D 54 -37.47 17.34 -5.56
N GLN D 55 -37.62 18.35 -4.67
CA GLN D 55 -37.82 19.74 -5.07
C GLN D 55 -36.52 20.38 -5.61
N ILE D 56 -35.33 19.78 -5.35
CA ILE D 56 -34.06 20.36 -5.81
C ILE D 56 -33.29 19.47 -6.80
N TYR D 57 -33.84 18.30 -7.18
CA TYR D 57 -33.20 17.37 -8.11
C TYR D 57 -32.74 18.02 -9.43
N ASP D 58 -33.56 18.91 -10.01
CA ASP D 58 -33.24 19.58 -11.28
C ASP D 58 -32.08 20.55 -11.23
N LYS D 59 -31.74 21.07 -10.04
CA LYS D 59 -30.65 22.03 -9.86
C LYS D 59 -29.25 21.41 -9.73
N PHE D 60 -29.19 20.09 -9.57
CA PHE D 60 -27.92 19.40 -9.38
C PHE D 60 -27.69 18.29 -10.42
N PRO D 61 -26.43 17.86 -10.62
CA PRO D 61 -26.17 16.81 -11.61
C PRO D 61 -26.88 15.52 -11.23
N GLU D 62 -27.52 14.86 -12.19
CA GLU D 62 -28.22 13.62 -11.91
C GLU D 62 -27.55 12.44 -12.66
N LYS D 63 -28.26 11.34 -12.90
CA LYS D 63 -27.74 10.13 -13.53
C LYS D 63 -26.59 9.57 -12.65
N LYS D 64 -25.46 9.12 -13.19
CA LYS D 64 -24.38 8.55 -12.38
C LYS D 64 -23.74 9.62 -11.48
N GLY D 65 -23.59 9.28 -10.20
CA GLY D 65 -23.03 10.16 -9.18
C GLY D 65 -23.86 11.39 -8.87
N GLY D 66 -25.15 11.35 -9.21
CA GLY D 66 -26.03 12.50 -8.99
C GLY D 66 -26.55 12.62 -7.57
N LEU D 67 -27.26 13.74 -7.29
CA LEU D 67 -27.87 13.96 -5.97
C LEU D 67 -28.88 12.84 -5.64
N LYS D 68 -29.69 12.44 -6.64
CA LYS D 68 -30.69 11.38 -6.47
C LYS D 68 -30.01 10.06 -6.10
N GLU D 69 -28.95 9.68 -6.84
CA GLU D 69 -28.22 8.46 -6.59
C GLU D 69 -27.51 8.48 -5.22
N LEU D 70 -26.93 9.63 -4.85
CA LEU D 70 -26.24 9.79 -3.57
C LEU D 70 -27.22 9.63 -2.42
N TYR D 71 -28.43 10.23 -2.55
CA TYR D 71 -29.47 10.17 -1.52
C TYR D 71 -29.97 8.74 -1.32
N GLU D 72 -30.17 8.00 -2.42
CA GLU D 72 -30.60 6.60 -2.36
C GLU D 72 -29.53 5.73 -1.68
N LYS D 73 -28.24 6.01 -1.94
CA LYS D 73 -27.13 5.29 -1.29
C LYS D 73 -27.17 5.54 0.21
N GLY D 74 -27.42 6.78 0.61
CA GLY D 74 -27.55 7.14 2.00
C GLY D 74 -26.23 7.39 2.72
N PRO D 75 -26.26 7.66 4.05
CA PRO D 75 -27.45 7.76 4.92
C PRO D 75 -28.24 9.06 4.74
N PRO D 76 -29.59 9.02 4.84
CA PRO D 76 -30.39 10.25 4.66
C PRO D 76 -30.05 11.38 5.63
N ASN D 77 -29.50 11.06 6.81
CA ASN D 77 -29.10 12.03 7.83
C ASN D 77 -27.89 12.90 7.46
N ALA D 78 -27.22 12.57 6.36
CA ALA D 78 -26.04 13.32 5.93
C ALA D 78 -26.40 14.46 4.94
N PHE D 79 -27.67 14.54 4.47
CA PHE D 79 -28.09 15.50 3.45
C PHE D 79 -28.74 16.77 3.96
N PHE D 80 -28.09 17.90 3.64
CA PHE D 80 -28.49 19.25 4.02
C PHE D 80 -28.55 20.19 2.84
N LEU D 81 -29.35 21.27 2.98
CA LEU D 81 -29.47 22.29 1.95
C LEU D 81 -29.22 23.64 2.60
N VAL D 82 -28.33 24.42 2.03
CA VAL D 82 -28.04 25.75 2.52
C VAL D 82 -28.44 26.73 1.45
N LYS D 83 -29.29 27.69 1.78
CA LYS D 83 -29.70 28.73 0.86
C LYS D 83 -28.88 29.96 1.26
N PHE D 84 -28.12 30.53 0.34
CA PHE D 84 -27.30 31.70 0.63
C PHE D 84 -27.83 32.95 -0.02
N TRP D 85 -27.61 34.09 0.65
CA TRP D 85 -27.91 35.41 0.12
C TRP D 85 -26.55 36.07 0.14
N ALA D 86 -25.83 35.93 -0.96
CA ALA D 86 -24.46 36.40 -1.12
C ALA D 86 -24.32 37.92 -1.11
N ASP D 87 -23.34 38.41 -0.36
CA ASP D 87 -23.02 39.81 -0.31
C ASP D 87 -22.07 40.12 -1.47
N LEU D 88 -22.61 40.71 -2.53
CA LEU D 88 -21.81 41.08 -3.70
C LEU D 88 -21.54 42.59 -3.78
N ASN D 89 -21.76 43.35 -2.70
CA ASN D 89 -21.55 44.80 -2.70
C ASN D 89 -20.04 45.08 -2.60
N SER D 90 -19.49 45.91 -3.51
CA SER D 90 -18.06 46.22 -3.58
C SER D 90 -17.63 47.12 -2.43
N THR D 91 -17.46 46.52 -1.25
CA THR D 91 -17.09 47.24 -0.05
C THR D 91 -15.58 47.50 -0.04
N ILE D 92 -14.76 46.52 -0.49
CA ILE D 92 -13.32 46.71 -0.54
C ILE D 92 -12.83 46.97 -1.98
N GLN D 93 -11.87 47.89 -2.13
CA GLN D 93 -11.35 48.26 -3.45
C GLN D 93 -10.41 47.19 -3.98
N GLU D 94 -10.88 46.40 -4.96
CA GLU D 94 -10.09 45.32 -5.54
C GLU D 94 -8.94 45.81 -6.42
N GLY D 95 -7.74 45.36 -6.09
CA GLY D 95 -6.54 45.73 -6.81
C GLY D 95 -5.80 44.53 -7.37
N PRO D 96 -4.48 44.70 -7.57
CA PRO D 96 -3.68 43.62 -8.17
C PRO D 96 -3.56 42.33 -7.34
N GLY D 97 -3.33 42.47 -6.03
CA GLY D 97 -3.17 41.32 -5.15
C GLY D 97 -4.45 40.92 -4.45
N ALA D 98 -5.47 40.51 -5.25
CA ALA D 98 -6.74 40.11 -4.65
C ALA D 98 -6.86 38.61 -4.62
N PHE D 99 -6.92 38.03 -3.43
CA PHE D 99 -7.02 36.59 -3.29
C PHE D 99 -8.49 36.20 -3.11
N TYR D 100 -8.97 35.21 -3.90
CA TYR D 100 -10.31 34.71 -3.78
C TYR D 100 -10.16 33.33 -3.20
N GLY D 101 -10.78 33.09 -2.05
CA GLY D 101 -10.63 31.81 -1.39
C GLY D 101 -11.83 31.31 -0.60
N VAL D 102 -11.72 30.05 -0.18
CA VAL D 102 -12.76 29.38 0.58
C VAL D 102 -12.12 28.74 1.80
N SER D 103 -12.69 29.00 2.98
CA SER D 103 -12.20 28.42 4.22
C SER D 103 -13.32 27.62 4.87
N SER D 104 -13.00 26.43 5.37
CA SER D 104 -13.99 25.59 6.01
C SER D 104 -13.37 24.68 7.07
N GLN D 105 -14.19 24.29 8.06
CA GLN D 105 -13.78 23.45 9.16
C GLN D 105 -14.83 22.39 9.42
N TYR D 106 -14.36 21.22 9.77
CA TYR D 106 -15.22 20.11 10.10
C TYR D 106 -14.73 19.51 11.40
N SER D 107 -15.63 18.86 12.13
CA SER D 107 -15.29 18.20 13.37
C SER D 107 -15.86 16.80 13.38
N SER D 108 -15.27 15.93 14.19
CA SER D 108 -15.73 14.55 14.25
C SER D 108 -15.40 13.88 15.56
N ALA D 109 -16.31 13.02 16.04
CA ALA D 109 -16.01 12.24 17.24
C ALA D 109 -14.94 11.18 16.90
N ASP D 110 -14.90 10.70 15.64
CA ASP D 110 -13.92 9.72 15.17
C ASP D 110 -12.87 10.32 14.24
N SER D 111 -11.64 9.82 14.36
CA SER D 111 -10.52 10.26 13.56
C SER D 111 -10.55 9.56 12.21
N MET D 112 -10.62 10.33 11.11
CA MET D 112 -10.71 9.81 9.75
C MET D 112 -9.94 10.64 8.74
N THR D 113 -9.68 10.11 7.54
CA THR D 113 -9.13 10.91 6.45
C THR D 113 -10.33 11.16 5.55
N ILE D 114 -10.65 12.43 5.31
CA ILE D 114 -11.82 12.77 4.49
C ILE D 114 -11.45 13.29 3.10
N SER D 115 -12.40 13.20 2.17
CA SER D 115 -12.23 13.70 0.82
C SER D 115 -13.43 14.63 0.53
N VAL D 116 -13.15 15.92 0.40
CA VAL D 116 -14.15 16.94 0.13
C VAL D 116 -14.23 17.25 -1.37
N SER D 117 -15.34 16.90 -1.99
CA SER D 117 -15.59 17.20 -3.39
C SER D 117 -16.58 18.39 -3.48
N THR D 118 -16.20 19.45 -4.20
CA THR D 118 -17.00 20.65 -4.39
C THR D 118 -17.33 20.70 -5.89
N LYS D 119 -18.57 20.43 -6.27
CA LYS D 119 -18.99 20.51 -7.65
C LYS D 119 -19.64 21.86 -7.86
N VAL D 120 -19.08 22.68 -8.73
CA VAL D 120 -19.67 23.95 -9.07
C VAL D 120 -20.57 23.64 -10.29
N CYS D 121 -21.86 23.97 -10.25
CA CYS D 121 -22.83 23.61 -11.32
C CYS D 121 -23.44 24.81 -12.03
N SER D 122 -24.20 24.59 -13.12
CA SER D 122 -24.85 25.60 -13.84
C SER D 122 -25.96 25.01 -14.71
N PHE D 123 -27.23 25.38 -14.46
CA PHE D 123 -28.34 24.73 -15.16
C PHE D 123 -28.31 23.18 -14.82
N GLY D 124 -27.82 22.86 -13.61
CA GLY D 124 -27.66 21.52 -13.10
C GLY D 124 -26.54 20.71 -13.72
N LYS D 125 -25.70 21.34 -14.54
CA LYS D 125 -24.56 20.71 -15.20
C LYS D 125 -23.26 21.13 -14.52
N GLN D 126 -22.49 20.15 -14.04
CA GLN D 126 -21.22 20.38 -13.36
C GLN D 126 -20.25 21.09 -14.30
N VAL D 127 -19.70 22.23 -13.88
CA VAL D 127 -18.75 22.97 -14.71
C VAL D 127 -17.30 22.77 -14.21
N VAL D 128 -17.11 22.84 -12.89
CA VAL D 128 -15.82 22.62 -12.24
C VAL D 128 -16.02 21.67 -11.05
N GLU D 129 -14.98 20.92 -10.72
CA GLU D 129 -14.99 20.08 -9.54
C GLU D 129 -13.63 20.21 -8.85
N LYS D 130 -13.63 20.39 -7.54
CA LYS D 130 -12.42 20.44 -6.72
C LYS D 130 -12.48 19.27 -5.75
N VAL D 131 -11.41 18.50 -5.61
CA VAL D 131 -11.37 17.38 -4.69
C VAL D 131 -10.19 17.62 -3.75
N GLU D 132 -10.43 17.69 -2.45
CA GLU D 132 -9.38 17.96 -1.48
C GLU D 132 -9.41 16.94 -0.34
N THR D 133 -8.27 16.33 -0.09
CA THR D 133 -8.14 15.34 0.98
C THR D 133 -7.74 16.03 2.29
N GLU D 134 -8.39 15.70 3.42
CA GLU D 134 -8.03 16.32 4.71
C GLU D 134 -7.78 15.30 5.81
N TYR D 135 -6.76 15.55 6.60
CA TYR D 135 -6.38 14.67 7.69
C TYR D 135 -6.86 15.24 9.02
N ALA D 136 -7.30 14.34 9.92
CA ALA D 136 -7.78 14.69 11.25
C ALA D 136 -6.70 15.25 12.19
N ARG D 137 -7.08 16.22 13.04
CA ARG D 137 -6.18 16.83 13.99
C ARG D 137 -6.89 17.02 15.34
N LEU D 138 -6.55 16.17 16.33
CA LEU D 138 -7.14 16.23 17.68
C LEU D 138 -7.01 17.61 18.30
N GLU D 139 -8.13 18.17 18.72
CA GLU D 139 -8.17 19.52 19.24
C GLU D 139 -9.38 19.70 20.18
N ASN D 140 -9.12 19.85 21.49
CA ASN D 140 -10.12 19.99 22.55
C ASN D 140 -11.08 18.78 22.59
N GLY D 141 -10.52 17.58 22.54
CA GLY D 141 -11.28 16.34 22.60
C GLY D 141 -12.04 15.96 21.35
N ARG D 142 -11.94 16.76 20.28
CA ARG D 142 -12.62 16.48 19.03
C ARG D 142 -11.65 16.60 17.85
N PHE D 143 -11.79 15.76 16.82
CA PHE D 143 -10.91 15.81 15.65
C PHE D 143 -11.40 16.85 14.67
N VAL D 144 -10.52 17.78 14.27
CA VAL D 144 -10.90 18.82 13.34
C VAL D 144 -10.19 18.69 12.00
N TYR D 145 -10.85 19.17 10.95
CA TYR D 145 -10.36 19.15 9.58
C TYR D 145 -10.46 20.56 9.10
N ARG D 146 -9.35 21.14 8.68
CA ARG D 146 -9.38 22.49 8.18
C ARG D 146 -8.97 22.58 6.74
N ILE D 147 -9.68 23.40 5.98
CA ILE D 147 -9.34 23.75 4.63
C ILE D 147 -9.23 25.25 4.77
N HIS D 148 -8.02 25.77 4.88
CA HIS D 148 -7.80 27.19 5.08
C HIS D 148 -7.36 27.82 3.78
N ARG D 149 -7.98 28.96 3.42
CA ARG D 149 -7.66 29.72 2.22
C ARG D 149 -7.45 28.87 0.96
N SER D 150 -8.38 27.95 0.67
CA SER D 150 -8.32 27.12 -0.53
C SER D 150 -8.63 28.05 -1.69
N PRO D 151 -7.68 28.25 -2.63
CA PRO D 151 -7.93 29.22 -3.71
C PRO D 151 -9.09 28.85 -4.59
N MET D 152 -9.92 29.83 -4.98
CA MET D 152 -10.99 29.59 -5.93
C MET D 152 -10.33 29.41 -7.30
N CYS D 153 -10.89 28.53 -8.15
CA CYS D 153 -10.37 28.34 -9.50
C CYS D 153 -10.69 29.58 -10.38
N GLU D 154 -10.01 29.74 -11.53
CA GLU D 154 -10.24 30.88 -12.41
C GLU D 154 -11.68 31.00 -12.89
N TYR D 155 -12.40 29.88 -12.99
CA TYR D 155 -13.79 29.91 -13.41
C TYR D 155 -14.62 30.69 -12.39
N MET D 156 -14.39 30.43 -11.11
CA MET D 156 -15.14 31.08 -10.05
C MET D 156 -14.78 32.53 -9.86
N ILE D 157 -13.50 32.89 -10.02
CA ILE D 157 -13.07 34.28 -9.91
C ILE D 157 -13.66 35.11 -11.06
N ASN D 158 -13.69 34.53 -12.29
CA ASN D 158 -14.26 35.20 -13.46
C ASN D 158 -15.78 35.32 -13.32
N PHE D 159 -16.44 34.30 -12.74
CA PHE D 159 -17.89 34.31 -12.50
C PHE D 159 -18.27 35.41 -11.49
N ILE D 160 -17.49 35.56 -10.41
CA ILE D 160 -17.77 36.60 -9.42
C ILE D 160 -17.50 37.98 -10.03
N HIS D 161 -16.43 38.12 -10.83
CA HIS D 161 -16.11 39.36 -11.53
C HIS D 161 -17.26 39.75 -12.47
N LYS D 162 -17.85 38.76 -13.18
CA LYS D 162 -18.97 38.95 -14.09
C LYS D 162 -20.18 39.47 -13.31
N LEU D 163 -20.53 38.77 -12.20
CA LEU D 163 -21.65 39.11 -11.32
C LEU D 163 -21.56 40.55 -10.81
N LYS D 164 -20.37 40.97 -10.37
CA LYS D 164 -20.13 42.31 -9.83
C LYS D 164 -20.26 43.42 -10.86
N HIS D 165 -19.96 43.12 -12.13
CA HIS D 165 -20.10 44.11 -13.20
C HIS D 165 -21.53 44.25 -13.73
N LEU D 166 -22.51 43.59 -13.10
CA LEU D 166 -23.92 43.69 -13.49
C LEU D 166 -24.53 44.89 -12.78
N PRO D 167 -25.23 45.76 -13.51
CA PRO D 167 -25.80 46.97 -12.87
C PRO D 167 -27.01 46.72 -11.98
N GLU D 168 -27.68 45.56 -12.12
CA GLU D 168 -28.88 45.30 -11.34
C GLU D 168 -28.86 44.06 -10.49
N LYS D 169 -29.65 44.08 -9.40
CA LYS D 169 -29.84 42.93 -8.52
C LYS D 169 -30.69 41.85 -9.22
N TYR D 170 -31.57 42.25 -10.16
CA TYR D 170 -32.37 41.31 -10.93
C TYR D 170 -31.44 40.58 -11.90
N MET D 171 -30.55 41.32 -12.59
CA MET D 171 -29.55 40.75 -13.51
C MET D 171 -28.68 39.70 -12.78
N MET D 172 -28.27 40.02 -11.53
CA MET D 172 -27.46 39.17 -10.67
C MET D 172 -28.22 37.93 -10.17
N ASN D 173 -29.47 38.11 -9.68
CA ASN D 173 -30.29 36.99 -9.21
C ASN D 173 -30.60 36.04 -10.34
N SER D 174 -30.76 36.53 -11.57
CA SER D 174 -31.06 35.67 -12.72
C SER D 174 -29.90 34.72 -13.02
N VAL D 175 -28.66 35.17 -12.79
CA VAL D 175 -27.48 34.35 -13.01
C VAL D 175 -27.38 33.34 -11.86
N LEU D 176 -27.40 33.82 -10.60
CA LEU D 176 -27.35 33.01 -9.37
C LEU D 176 -28.50 31.99 -9.25
N GLU D 177 -29.57 32.18 -10.02
CA GLU D 177 -30.73 31.28 -10.10
C GLU D 177 -30.30 29.91 -10.64
N ASN D 178 -29.36 29.92 -11.59
CA ASN D 178 -28.86 28.75 -12.28
C ASN D 178 -27.50 28.22 -11.76
N PHE D 179 -26.96 28.84 -10.72
CA PHE D 179 -25.68 28.47 -10.13
C PHE D 179 -25.89 27.72 -8.84
N THR D 180 -25.34 26.51 -8.76
CA THR D 180 -25.43 25.72 -7.53
C THR D 180 -24.06 25.12 -7.18
N ILE D 181 -23.87 24.73 -5.95
CA ILE D 181 -22.66 24.08 -5.50
C ILE D 181 -23.08 22.83 -4.73
N LEU D 182 -22.47 21.68 -5.05
CA LEU D 182 -22.78 20.46 -4.34
C LEU D 182 -21.52 19.98 -3.66
N GLN D 183 -21.55 19.94 -2.33
CA GLN D 183 -20.39 19.52 -1.56
C GLN D 183 -20.63 18.10 -1.03
N VAL D 184 -19.74 17.16 -1.37
CA VAL D 184 -19.85 15.78 -0.95
C VAL D 184 -18.60 15.37 -0.21
N VAL D 185 -18.72 15.12 1.09
CA VAL D 185 -17.60 14.69 1.90
C VAL D 185 -17.73 13.18 2.09
N THR D 186 -16.68 12.45 1.77
CA THR D 186 -16.64 11.01 1.92
C THR D 186 -15.41 10.60 2.74
N SER D 187 -15.41 9.37 3.26
CA SER D 187 -14.25 8.82 3.95
C SER D 187 -13.28 8.45 2.78
N ARG D 188 -12.06 9.01 2.78
CA ARG D 188 -11.08 8.88 1.70
C ARG D 188 -10.83 7.44 1.23
N ASP D 189 -10.77 6.46 2.13
CA ASP D 189 -10.50 5.08 1.75
C ASP D 189 -11.75 4.23 1.51
N SER D 190 -12.75 4.29 2.41
CA SER D 190 -13.96 3.49 2.24
C SER D 190 -14.95 4.04 1.21
N GLN D 191 -14.85 5.33 0.90
CA GLN D 191 -15.76 6.04 -0.01
C GLN D 191 -17.20 6.13 0.53
N GLU D 192 -17.35 6.13 1.85
CA GLU D 192 -18.66 6.24 2.48
C GLU D 192 -19.07 7.70 2.60
N THR D 193 -20.33 8.02 2.32
CA THR D 193 -20.84 9.38 2.42
C THR D 193 -20.93 9.84 3.87
N LEU D 194 -20.20 10.90 4.21
CA LEU D 194 -20.17 11.47 5.56
C LEU D 194 -21.09 12.69 5.67
N LEU D 195 -21.11 13.55 4.65
CA LEU D 195 -21.90 14.77 4.69
C LEU D 195 -22.12 15.29 3.27
N VAL D 196 -23.35 15.70 2.94
CA VAL D 196 -23.69 16.25 1.64
C VAL D 196 -24.42 17.56 1.87
N ILE D 197 -23.90 18.65 1.30
CA ILE D 197 -24.49 19.97 1.40
C ILE D 197 -24.74 20.53 0.03
N ALA D 198 -25.98 20.82 -0.26
CA ALA D 198 -26.38 21.40 -1.52
C ALA D 198 -26.52 22.89 -1.25
N PHE D 199 -25.88 23.73 -2.07
CA PHE D 199 -25.95 25.17 -1.90
C PHE D 199 -26.71 25.83 -3.03
N VAL D 200 -27.71 26.65 -2.69
CA VAL D 200 -28.46 27.44 -3.65
C VAL D 200 -28.24 28.93 -3.34
N PHE D 201 -28.36 29.81 -4.35
CA PHE D 201 -27.96 31.21 -4.17
C PHE D 201 -28.93 32.26 -4.65
N GLU D 202 -28.84 33.42 -3.98
CA GLU D 202 -29.52 34.68 -4.28
C GLU D 202 -28.57 35.81 -3.86
N VAL D 203 -28.83 37.04 -4.31
CA VAL D 203 -28.04 38.20 -3.90
C VAL D 203 -28.69 38.75 -2.65
N SER D 204 -27.89 39.25 -1.71
CA SER D 204 -28.40 39.84 -0.50
C SER D 204 -28.85 41.28 -0.75
N THR D 205 -30.10 41.58 -0.41
CA THR D 205 -30.63 42.95 -0.49
C THR D 205 -30.58 43.65 0.90
N SER D 206 -30.39 42.86 2.00
CA SER D 206 -30.29 43.28 3.38
C SER D 206 -29.05 44.14 3.65
N GLU D 207 -29.21 45.02 4.61
CA GLU D 207 -28.13 45.91 5.02
C GLU D 207 -27.22 45.22 6.05
N HIS D 208 -27.71 44.15 6.71
CA HIS D 208 -26.96 43.31 7.64
C HIS D 208 -26.00 42.33 6.92
N GLY D 209 -25.73 42.57 5.62
CA GLY D 209 -24.84 41.76 4.80
C GLY D 209 -25.41 40.44 4.34
N ALA D 210 -24.53 39.44 4.15
CA ALA D 210 -24.84 38.10 3.72
C ALA D 210 -25.65 37.35 4.75
N GLN D 211 -26.55 36.50 4.29
CA GLN D 211 -27.41 35.70 5.16
C GLN D 211 -27.55 34.29 4.61
N HIS D 212 -27.98 33.36 5.47
CA HIS D 212 -28.20 31.99 5.04
C HIS D 212 -29.32 31.28 5.83
N HIS D 213 -29.86 30.21 5.26
CA HIS D 213 -30.82 29.38 5.94
C HIS D 213 -30.45 27.93 5.69
N VAL D 214 -30.43 27.13 6.74
CA VAL D 214 -30.13 25.70 6.67
C VAL D 214 -31.42 24.88 6.73
N TYR D 215 -31.49 23.82 5.92
CA TYR D 215 -32.60 22.91 5.82
C TYR D 215 -32.11 21.47 5.84
N LYS D 216 -32.92 20.56 6.38
CA LYS D 216 -32.62 19.15 6.37
C LYS D 216 -33.32 18.59 5.12
N LEU D 217 -32.60 17.81 4.30
CA LEU D 217 -33.19 17.24 3.10
C LEU D 217 -33.88 15.91 3.44
N VAL D 218 -35.19 15.83 3.17
CA VAL D 218 -36.03 14.67 3.48
C VAL D 218 -36.64 14.04 2.20
N LYS D 219 -37.25 12.84 2.32
CA LYS D 219 -37.90 12.19 1.18
C LYS D 219 -39.31 11.71 1.55
C2 JIK E . -7.18 9.53 -16.66
C7 JIK E . -4.96 9.01 -16.72
C8 JIK E . -6.02 10.23 -14.64
C9 JIK E . -7.41 11.35 -12.87
C10 JIK E . -8.37 10.58 -15.00
C11 JIK E . -7.85 8.63 -18.90
C14 JIK E . -7.43 9.26 -20.24
C15 JIK E . -8.00 7.12 -19.15
C16 JIK E . -7.85 6.92 -20.67
N1 JIK E . -6.88 8.90 -17.83
N3 JIK E . -5.52 8.59 -17.84
C4 JIK E . -6.00 9.62 -15.91
N5 JIK E . -8.32 10.01 -16.18
C6 JIK E . -7.24 10.74 -14.20
O12 JIK E . -8.55 11.55 -12.45
O13 JIK E . -6.36 11.65 -12.10
C17 JIK E . -8.06 8.33 -21.30
C2 JIK F . -2.58 -19.71 2.49
C7 JIK F . -3.98 -18.72 4.00
C8 JIK F . -1.40 -18.20 3.96
C9 JIK F . 1.08 -17.99 3.65
C10 JIK F . -0.29 -19.48 2.23
C11 JIK F . -4.26 -21.15 1.33
C14 JIK F . -4.12 -22.55 1.95
C15 JIK F . -5.75 -21.04 0.93
C16 JIK F . -6.05 -22.49 0.45
N1 JIK F . -3.86 -20.14 2.31
N3 JIK F . -4.69 -19.51 3.25
C4 JIK F . -2.60 -18.80 3.56
N5 JIK F . -1.44 -20.02 1.86
C6 JIK F . -0.23 -18.56 3.29
O12 JIK F . 2.03 -18.21 2.92
O13 JIK F . 1.26 -17.22 4.72
C17 JIK F . -5.43 -23.30 1.61
C2 JIK G . 23.73 -24.45 11.84
C7 JIK G . 24.82 -23.41 10.08
C8 JIK G . 22.33 -22.82 10.67
C9 JIK G . 19.98 -22.49 11.40
C10 JIK G . 21.54 -24.11 12.54
C11 JIK G . 25.74 -25.92 12.46
C14 JIK G . 25.67 -25.97 13.97
C15 JIK G . 25.51 -27.37 11.99
C16 JIK G . 26.57 -28.06 12.90
N1 JIK G . 25.02 -24.89 11.72
N3 JIK G . 25.62 -24.24 10.64
C4 JIK G . 23.55 -23.49 10.81
N5 JIK G . 22.71 -24.72 12.67
C6 JIK G . 21.29 -23.15 11.53
O12 JIK G . 19.04 -22.82 12.11
O13 JIK G . 19.82 -21.51 10.49
C17 JIK G . 26.43 -27.30 14.26
C2 JIK H . -18.53 30.68 -3.98
C7 JIK H . -19.57 29.88 -2.09
C8 JIK H . -17.57 28.58 -3.23
C9 JIK H . -15.65 27.68 -4.58
C10 JIK H . -16.77 29.81 -5.16
C11 JIK H . -19.84 32.77 -4.29
C14 JIK H . -20.53 32.51 -5.63
C15 JIK H . -20.85 33.65 -3.55
C16 JIK H . -21.15 34.69 -4.66
N1 JIK H . -19.52 31.52 -3.60
N3 JIK H . -20.12 31.02 -2.42
C4 JIK H . -18.51 29.61 -3.06
N5 JIK H . -17.68 30.74 -4.99
C6 JIK H . -16.67 28.71 -4.30
O12 JIK H . -14.70 27.94 -5.31
O13 JIK H . -15.78 26.45 -4.09
C17 JIK H . -21.34 33.78 -5.91
#